data_7C98
#
_entry.id   7C98
#
_cell.length_a   1.00
_cell.length_b   1.00
_cell.length_c   1.00
_cell.angle_alpha   90.00
_cell.angle_beta   90.00
_cell.angle_gamma   90.00
#
_symmetry.space_group_name_H-M   'P 1'
#
loop_
_entity.id
_entity.type
_entity.pdbx_description
1 polymer 'Meiotic recombination protein DMC1/LIM15 homolog'
2 polymer "DNA (5'-D(P*TP*TP*TP*TP*TP*TP*TP*TP*T)-3')"
3 polymer "DNA (5'-D(P*AP*AP*AP*AP*AP*AP*AP*AP*A)-3')"
4 non-polymer 'CALCIUM ION'
5 non-polymer 'PHOSPHOAMINOPHOSPHONIC ACID-ADENYLATE ESTER'
#
loop_
_entity_poly.entity_id
_entity_poly.type
_entity_poly.pdbx_seq_one_letter_code
_entity_poly.pdbx_strand_id
1 'polypeptide(L)'
;MKEDQVVAEEPGFQDEEESLFQDIDLLQKHGINVADIKKLKSVGICTIKGIQMTTRRALCNVKGLSEAKVDKIKEAANKL
IEPGFLTAFEYSEKRKMVFHITTGSQEFDKLLGGGIESMAITEAFGEFRTGKTQLSHTLCVTAQLPGAGGYPGGKIIFID
TENTFRPDRLRDIADRFNVDHDAVLDNVLYARAYTSEHQMELLDYVAAKFHEEAGIFKLLIIDSIMALFRVDFSGRGELA
ERQQKLAQMLSRLQKISEEYNVAVFVTNQMTADPGATMTFQADPKKPIGGHILAHASTTRISLRKGRGELRIAKIYDSPE
MPENEATFAITAGGIGDAKE
;
A,B,C
2 'polydeoxyribonucleotide' (DT)(DT)(DT)(DT)(DT)(DT)(DT)(DT)(DT) D
3 'polydeoxyribonucleotide' (DA)(DA)(DA)(DA)(DA)(DA)(DA)(DA)(DA) E
#
loop_
_chem_comp.id
_chem_comp.type
_chem_comp.name
_chem_comp.formula
ANP non-polymer 'PHOSPHOAMINOPHOSPHONIC ACID-ADENYLATE ESTER' 'C10 H17 N6 O12 P3'
CA non-polymer 'CALCIUM ION' 'Ca 2'
DA DNA linking 2'-DEOXYADENOSINE-5'-MONOPHOSPHATE 'C10 H14 N5 O6 P'
DT DNA linking THYMIDINE-5'-MONOPHOSPHATE 'C10 H15 N2 O8 P'
#
# COMPACT_ATOMS: atom_id res chain seq x y z
N GLN A 22 -50.64 1.29 1.65
CA GLN A 22 -49.20 1.38 1.43
C GLN A 22 -48.75 0.48 0.29
N ASP A 23 -49.02 -0.81 0.40
CA ASP A 23 -48.67 -1.76 -0.65
C ASP A 23 -49.53 -1.50 -1.89
N ILE A 24 -48.98 -1.83 -3.06
CA ILE A 24 -49.65 -1.51 -4.33
C ILE A 24 -50.58 -2.67 -4.64
N ASP A 25 -51.68 -2.74 -3.88
CA ASP A 25 -52.90 -3.43 -4.27
C ASP A 25 -54.10 -2.50 -4.13
N LEU A 26 -53.89 -1.25 -3.74
CA LEU A 26 -54.98 -0.29 -3.61
C LEU A 26 -55.37 0.34 -4.94
N LEU A 27 -54.71 -0.04 -6.03
CA LEU A 27 -54.95 0.54 -7.35
C LEU A 27 -55.88 -0.32 -8.19
N GLN A 28 -55.98 -1.62 -7.91
CA GLN A 28 -56.76 -2.54 -8.74
C GLN A 28 -58.26 -2.30 -8.63
N LYS A 29 -58.70 -1.60 -7.60
CA LYS A 29 -60.09 -1.17 -7.45
C LYS A 29 -60.39 0.10 -8.23
N HIS A 30 -59.47 0.56 -9.08
CA HIS A 30 -59.65 1.76 -9.87
C HIS A 30 -59.40 1.53 -11.35
N GLY A 31 -59.46 0.27 -11.80
CA GLY A 31 -59.32 -0.05 -13.21
C GLY A 31 -58.06 -0.80 -13.58
N ILE A 32 -57.10 -0.93 -12.66
CA ILE A 32 -55.83 -1.58 -12.95
C ILE A 32 -56.03 -3.09 -12.92
N ASN A 33 -55.68 -3.75 -14.02
CA ASN A 33 -55.73 -5.21 -14.06
C ASN A 33 -54.51 -5.82 -13.38
N VAL A 34 -54.69 -7.05 -12.88
CA VAL A 34 -53.66 -7.70 -12.08
C VAL A 34 -52.56 -8.35 -12.91
N ALA A 35 -52.63 -8.24 -14.25
CA ALA A 35 -51.64 -8.87 -15.11
C ALA A 35 -50.32 -8.12 -15.15
N ASP A 36 -50.32 -6.81 -14.91
CA ASP A 36 -49.10 -6.02 -14.96
C ASP A 36 -48.77 -5.31 -13.65
N ILE A 37 -49.57 -5.51 -12.60
CA ILE A 37 -49.21 -4.89 -11.33
C ILE A 37 -48.18 -5.74 -10.60
N LYS A 38 -48.13 -7.05 -10.89
CA LYS A 38 -47.00 -7.86 -10.52
C LYS A 38 -45.78 -7.61 -11.39
N LYS A 39 -45.95 -6.94 -12.54
CA LYS A 39 -44.81 -6.66 -13.39
C LYS A 39 -43.94 -5.56 -12.80
N LEU A 40 -44.57 -4.50 -12.27
CA LEU A 40 -43.79 -3.42 -11.66
C LEU A 40 -43.18 -3.85 -10.33
N LYS A 41 -43.71 -4.89 -9.70
CA LYS A 41 -43.05 -5.57 -8.59
C LYS A 41 -41.72 -6.19 -9.00
N SER A 42 -41.61 -6.72 -10.22
CA SER A 42 -40.37 -7.31 -10.71
C SER A 42 -39.29 -6.28 -10.98
N VAL A 43 -39.65 -5.00 -11.10
CA VAL A 43 -38.63 -3.96 -11.13
C VAL A 43 -38.15 -3.65 -9.71
N GLY A 44 -39.08 -3.60 -8.76
CA GLY A 44 -38.72 -3.33 -7.38
C GLY A 44 -39.70 -2.43 -6.66
N ILE A 45 -40.68 -1.90 -7.40
CA ILE A 45 -41.66 -0.99 -6.83
C ILE A 45 -42.61 -1.77 -5.93
N CYS A 46 -42.72 -1.35 -4.67
CA CYS A 46 -43.51 -2.07 -3.68
C CYS A 46 -44.49 -1.20 -2.90
N THR A 47 -44.48 0.12 -3.08
CA THR A 47 -45.26 1.01 -2.24
C THR A 47 -46.01 2.03 -3.07
N ILE A 48 -46.96 2.69 -2.40
CA ILE A 48 -47.81 3.68 -3.07
C ILE A 48 -47.03 4.96 -3.36
N LYS A 49 -45.91 5.17 -2.68
CA LYS A 49 -45.02 6.27 -3.01
C LYS A 49 -43.99 5.89 -4.06
N GLY A 50 -43.95 4.62 -4.47
CA GLY A 50 -43.01 4.21 -5.50
C GLY A 50 -43.36 4.80 -6.85
N ILE A 51 -44.65 4.93 -7.13
CA ILE A 51 -45.09 5.64 -8.33
C ILE A 51 -45.03 7.15 -8.16
N GLN A 52 -44.93 7.62 -6.93
CA GLN A 52 -44.71 9.05 -6.70
C GLN A 52 -43.26 9.43 -6.96
N MET A 53 -42.35 8.47 -6.87
CA MET A 53 -40.91 8.70 -6.95
C MET A 53 -40.30 8.11 -8.22
N THR A 54 -41.02 8.19 -9.33
CA THR A 54 -40.52 7.66 -10.59
C THR A 54 -40.80 8.66 -11.72
N THR A 55 -39.85 8.76 -12.64
CA THR A 55 -40.09 9.56 -13.83
C THR A 55 -41.07 8.83 -14.74
N ARG A 56 -41.70 9.60 -15.64
CA ARG A 56 -42.65 8.96 -16.53
C ARG A 56 -41.95 8.30 -17.72
N ARG A 57 -40.65 8.57 -17.89
CA ARG A 57 -39.89 7.91 -18.95
C ARG A 57 -39.16 6.67 -18.46
N ALA A 58 -39.02 6.51 -17.13
CA ALA A 58 -38.53 5.23 -16.63
C ALA A 58 -39.54 4.11 -16.83
N LEU A 59 -40.82 4.44 -16.89
CA LEU A 59 -41.88 3.50 -17.25
C LEU A 59 -42.10 3.44 -18.76
N CYS A 60 -41.14 3.94 -19.54
CA CYS A 60 -41.06 3.68 -20.97
C CYS A 60 -39.98 2.67 -21.32
N ASN A 61 -39.14 2.30 -20.35
CA ASN A 61 -37.93 1.52 -20.61
C ASN A 61 -38.11 0.04 -20.36
N VAL A 62 -39.17 -0.36 -19.68
CA VAL A 62 -39.32 -1.71 -19.17
C VAL A 62 -40.06 -2.56 -20.19
N LYS A 63 -39.79 -3.87 -20.21
CA LYS A 63 -40.23 -4.74 -21.28
C LYS A 63 -41.72 -5.02 -21.10
N GLY A 64 -42.55 -4.45 -21.97
CA GLY A 64 -43.96 -4.79 -22.02
C GLY A 64 -44.94 -3.78 -21.47
N LEU A 65 -44.52 -2.53 -21.27
CA LEU A 65 -45.43 -1.47 -20.86
C LEU A 65 -45.32 -0.36 -21.89
N SER A 66 -46.45 0.01 -22.49
CA SER A 66 -46.46 0.92 -23.62
C SER A 66 -46.48 2.36 -23.13
N GLU A 67 -46.26 3.29 -24.06
CA GLU A 67 -46.22 4.71 -23.74
C GLU A 67 -47.61 5.31 -23.55
N ALA A 68 -48.66 4.60 -23.95
CA ALA A 68 -50.01 5.14 -23.93
C ALA A 68 -50.93 4.46 -22.92
N LYS A 69 -50.40 3.72 -21.96
CA LYS A 69 -51.22 3.12 -20.92
C LYS A 69 -50.80 3.51 -19.52
N VAL A 70 -49.73 4.30 -19.37
CA VAL A 70 -49.16 4.58 -18.06
C VAL A 70 -50.02 5.55 -17.26
N ASP A 71 -50.95 6.24 -17.91
CA ASP A 71 -51.72 7.29 -17.24
C ASP A 71 -52.72 6.74 -16.25
N LYS A 72 -53.15 5.49 -16.41
CA LYS A 72 -54.12 4.91 -15.49
C LYS A 72 -53.51 4.56 -14.14
N ILE A 73 -52.19 4.39 -14.05
CA ILE A 73 -51.56 4.28 -12.75
C ILE A 73 -51.51 5.64 -12.08
N LYS A 74 -51.27 6.70 -12.87
CA LYS A 74 -51.30 8.05 -12.35
C LYS A 74 -52.73 8.54 -12.11
N GLU A 75 -53.74 7.82 -12.63
CA GLU A 75 -55.12 8.10 -12.26
C GLU A 75 -55.37 7.79 -10.80
N ALA A 76 -54.84 6.68 -10.30
CA ALA A 76 -54.99 6.31 -8.91
C ALA A 76 -53.89 6.88 -8.02
N ALA A 77 -53.06 7.77 -8.55
CA ALA A 77 -52.02 8.39 -7.74
C ALA A 77 -52.51 9.62 -7.00
N ASN A 78 -53.23 10.51 -7.69
CA ASN A 78 -53.68 11.74 -7.05
C ASN A 78 -54.91 11.52 -6.18
N LYS A 79 -55.76 10.58 -6.54
CA LYS A 79 -56.93 10.29 -5.72
C LYS A 79 -56.59 9.36 -4.55
N LEU A 80 -55.35 8.88 -4.46
CA LEU A 80 -54.91 8.17 -3.26
C LEU A 80 -53.87 8.93 -2.45
N ILE A 81 -52.94 9.63 -3.08
CA ILE A 81 -51.99 10.52 -2.42
C ILE A 81 -52.23 11.89 -3.04
N GLU A 82 -52.95 12.77 -2.34
CA GLU A 82 -53.40 14.00 -2.97
C GLU A 82 -52.33 15.07 -2.79
N PRO A 83 -51.73 15.59 -3.85
CA PRO A 83 -50.64 16.57 -3.73
C PRO A 83 -51.14 18.01 -3.70
N GLY A 84 -51.85 18.35 -2.64
CA GLY A 84 -52.34 19.71 -2.51
C GLY A 84 -51.27 20.64 -1.97
N PHE A 85 -51.61 21.39 -0.93
CA PHE A 85 -50.65 22.30 -0.29
C PHE A 85 -50.86 22.20 1.21
N LEU A 86 -50.01 21.40 1.86
CA LEU A 86 -50.05 21.30 3.31
C LEU A 86 -49.52 22.58 3.92
N THR A 87 -50.20 23.06 4.95
CA THR A 87 -49.67 24.18 5.69
C THR A 87 -48.56 23.71 6.62
N ALA A 88 -47.66 24.63 6.95
CA ALA A 88 -46.50 24.25 7.75
C ALA A 88 -46.86 24.02 9.20
N PHE A 89 -47.99 24.56 9.67
CA PHE A 89 -48.49 24.21 10.99
C PHE A 89 -48.83 22.73 11.05
N GLU A 90 -49.50 22.22 10.01
CA GLU A 90 -49.75 20.78 9.92
C GLU A 90 -48.46 20.02 9.70
N TYR A 91 -47.54 20.59 8.92
CA TYR A 91 -46.27 19.93 8.69
C TYR A 91 -45.39 19.91 9.93
N SER A 92 -45.64 20.83 10.87
CA SER A 92 -44.96 20.76 12.17
C SER A 92 -45.38 19.51 12.93
N GLU A 93 -46.67 19.18 12.92
CA GLU A 93 -47.11 17.95 13.55
C GLU A 93 -46.94 16.73 12.65
N LYS A 94 -46.69 16.95 11.36
CA LYS A 94 -46.42 15.83 10.46
C LYS A 94 -45.03 15.27 10.71
N ARG A 95 -44.06 16.13 11.03
CA ARG A 95 -42.68 15.75 11.22
C ARG A 95 -42.38 15.17 12.60
N LYS A 96 -43.41 14.89 13.41
CA LYS A 96 -43.17 14.32 14.72
C LYS A 96 -42.77 12.85 14.67
N MET A 97 -42.96 12.19 13.52
CA MET A 97 -42.64 10.78 13.40
C MET A 97 -41.15 10.51 13.25
N VAL A 98 -40.32 11.55 13.11
CA VAL A 98 -38.89 11.34 13.02
C VAL A 98 -38.35 10.92 14.38
N PHE A 99 -37.20 10.26 14.38
CA PHE A 99 -36.58 9.82 15.62
C PHE A 99 -35.13 10.26 15.63
N HIS A 100 -34.45 9.98 16.74
CA HIS A 100 -33.07 10.38 16.89
C HIS A 100 -32.27 9.26 17.53
N ILE A 101 -31.10 8.99 16.95
CA ILE A 101 -30.21 7.95 17.43
C ILE A 101 -29.10 8.63 18.22
N THR A 102 -28.93 8.23 19.48
CA THR A 102 -27.81 8.75 20.24
C THR A 102 -26.51 8.06 19.82
N THR A 103 -25.41 8.80 19.94
CA THR A 103 -24.11 8.30 19.51
C THR A 103 -23.36 7.59 20.63
N GLY A 104 -23.42 8.11 21.85
CA GLY A 104 -22.75 7.49 22.97
C GLY A 104 -22.18 8.49 23.95
N SER A 105 -22.05 9.74 23.53
CA SER A 105 -21.53 10.80 24.37
C SER A 105 -22.67 11.67 24.87
N GLN A 106 -22.31 12.79 25.48
CA GLN A 106 -23.27 13.80 25.90
C GLN A 106 -23.13 15.11 25.13
N GLU A 107 -21.90 15.56 24.91
CA GLU A 107 -21.69 16.79 24.18
C GLU A 107 -21.77 16.59 22.67
N PHE A 108 -21.63 15.35 22.20
CA PHE A 108 -21.67 15.08 20.78
C PHE A 108 -23.08 15.14 20.21
N ASP A 109 -24.07 14.57 20.89
CA ASP A 109 -25.45 14.79 20.52
C ASP A 109 -26.04 16.06 21.11
N LYS A 110 -25.35 16.72 22.04
CA LYS A 110 -25.66 18.12 22.28
C LYS A 110 -25.30 18.96 21.07
N LEU A 111 -24.22 18.58 20.37
CA LEU A 111 -23.83 19.23 19.14
C LEU A 111 -24.79 18.91 17.99
N LEU A 112 -25.53 17.82 18.07
CA LEU A 112 -26.45 17.45 17.00
C LEU A 112 -27.92 17.65 17.36
N GLY A 113 -28.28 17.53 18.63
CA GLY A 113 -29.68 17.69 19.02
C GLY A 113 -30.43 16.39 19.05
N GLY A 114 -29.91 15.43 19.79
CA GLY A 114 -30.43 14.09 19.79
C GLY A 114 -29.65 13.12 18.93
N GLY A 115 -28.69 13.60 18.17
CA GLY A 115 -27.88 12.74 17.33
C GLY A 115 -28.33 12.76 15.87
N ILE A 116 -28.56 11.58 15.32
CA ILE A 116 -28.80 11.41 13.88
C ILE A 116 -30.29 11.59 13.58
N GLU A 117 -30.60 12.40 12.58
CA GLU A 117 -31.95 12.58 12.09
C GLU A 117 -32.38 11.32 11.32
N SER A 118 -33.68 11.20 11.07
CA SER A 118 -34.21 10.00 10.45
C SER A 118 -34.75 10.22 9.06
N MET A 119 -34.60 11.41 8.49
CA MET A 119 -35.04 11.66 7.12
C MET A 119 -33.99 12.46 6.37
N ALA A 120 -32.72 12.11 6.58
CA ALA A 120 -31.62 12.91 6.07
C ALA A 120 -30.37 12.05 5.98
N ILE A 121 -29.35 12.59 5.31
CA ILE A 121 -28.09 11.89 5.06
C ILE A 121 -27.03 12.57 5.90
N THR A 122 -26.35 11.80 6.73
CA THR A 122 -25.30 12.30 7.61
C THR A 122 -23.93 11.83 7.12
N GLU A 123 -22.94 12.71 7.19
CA GLU A 123 -21.60 12.42 6.71
C GLU A 123 -20.59 12.66 7.83
N ALA A 124 -19.50 11.90 7.79
CA ALA A 124 -18.43 12.05 8.78
C ALA A 124 -17.11 11.65 8.15
N PHE A 125 -16.13 12.55 8.19
CA PHE A 125 -14.85 12.31 7.53
C PHE A 125 -13.71 12.68 8.45
N GLY A 126 -12.65 11.87 8.43
CA GLY A 126 -11.51 12.07 9.29
C GLY A 126 -10.21 11.88 8.53
N GLU A 127 -9.10 12.00 9.26
CA GLU A 127 -7.82 12.05 8.58
C GLU A 127 -7.35 10.67 8.16
N PHE A 128 -6.88 9.83 9.08
CA PHE A 128 -6.93 8.39 8.82
C PHE A 128 -7.28 7.57 10.05
N ARG A 129 -6.78 7.95 11.22
CA ARG A 129 -6.97 7.16 12.43
C ARG A 129 -8.07 7.70 13.31
N THR A 130 -8.91 8.58 12.78
CA THR A 130 -9.71 9.45 13.62
C THR A 130 -10.91 8.74 14.23
N GLY A 131 -11.16 7.49 13.89
CA GLY A 131 -12.24 6.76 14.50
C GLY A 131 -13.55 6.95 13.77
N LYS A 132 -13.56 6.67 12.47
CA LYS A 132 -14.81 6.74 11.72
C LYS A 132 -15.61 5.46 11.91
N THR A 133 -15.00 4.31 11.68
CA THR A 133 -15.69 3.04 11.84
C THR A 133 -15.98 2.72 13.30
N GLN A 134 -15.23 3.28 14.23
CA GLN A 134 -15.54 3.12 15.64
C GLN A 134 -16.83 3.84 16.00
N LEU A 135 -17.07 5.00 15.38
CA LEU A 135 -18.34 5.68 15.55
C LEU A 135 -19.47 4.87 14.93
N SER A 136 -19.19 4.16 13.85
CA SER A 136 -20.20 3.29 13.25
C SER A 136 -20.48 2.07 14.12
N HIS A 137 -19.43 1.51 14.74
CA HIS A 137 -19.59 0.28 15.51
C HIS A 137 -20.39 0.53 16.78
N THR A 138 -20.32 1.74 17.33
CA THR A 138 -21.18 2.08 18.45
C THR A 138 -22.63 2.20 18.00
N LEU A 139 -22.83 2.73 16.79
CA LEU A 139 -24.18 2.96 16.28
C LEU A 139 -24.91 1.68 15.93
N CYS A 140 -24.20 0.56 15.80
CA CYS A 140 -24.89 -0.72 15.67
C CYS A 140 -25.39 -1.24 17.00
N VAL A 141 -25.06 -0.59 18.11
CA VAL A 141 -25.40 -1.06 19.44
C VAL A 141 -26.39 -0.12 20.12
N THR A 142 -26.17 1.18 20.02
CA THR A 142 -27.09 2.11 20.67
C THR A 142 -28.41 2.26 19.94
N ALA A 143 -28.50 1.79 18.70
CA ALA A 143 -29.71 1.97 17.91
C ALA A 143 -30.73 0.85 18.11
N GLN A 144 -30.39 -0.19 18.86
CA GLN A 144 -31.31 -1.25 19.19
C GLN A 144 -31.72 -1.23 20.66
N LEU A 145 -31.44 -0.12 21.36
CA LEU A 145 -31.81 0.07 22.74
C LEU A 145 -32.89 1.14 22.84
N PRO A 146 -33.95 0.90 23.59
CA PRO A 146 -35.02 1.91 23.71
C PRO A 146 -34.59 3.13 24.51
N GLY A 147 -34.36 4.24 23.82
CA GLY A 147 -33.79 5.42 24.44
C GLY A 147 -34.68 6.63 24.42
N ALA A 148 -34.06 7.81 24.26
CA ALA A 148 -34.78 9.07 24.40
C ALA A 148 -35.67 9.35 23.20
N GLY A 149 -36.61 10.25 23.40
CA GLY A 149 -37.55 10.62 22.35
C GLY A 149 -38.56 9.56 22.00
N GLY A 150 -38.73 8.55 22.85
CA GLY A 150 -39.59 7.44 22.52
C GLY A 150 -39.08 6.55 21.42
N TYR A 151 -37.77 6.56 21.18
CA TYR A 151 -37.19 5.76 20.11
C TYR A 151 -37.09 4.31 20.55
N PRO A 152 -37.78 3.38 19.91
CA PRO A 152 -37.88 2.02 20.46
C PRO A 152 -36.75 1.09 20.05
N GLY A 153 -36.03 1.43 18.99
CA GLY A 153 -34.94 0.56 18.57
C GLY A 153 -35.40 -0.56 17.66
N GLY A 154 -34.52 -0.96 16.76
CA GLY A 154 -34.83 -1.98 15.78
C GLY A 154 -33.60 -2.59 15.17
N LYS A 155 -33.73 -3.01 13.91
CA LYS A 155 -32.67 -3.73 13.21
C LYS A 155 -31.85 -2.80 12.33
N ILE A 156 -30.62 -3.22 12.03
CA ILE A 156 -29.63 -2.42 11.32
C ILE A 156 -29.16 -3.18 10.09
N ILE A 157 -28.91 -2.47 8.99
CA ILE A 157 -28.20 -3.01 7.84
C ILE A 157 -26.83 -2.34 7.77
N PHE A 158 -25.79 -3.15 7.64
CA PHE A 158 -24.42 -2.65 7.51
C PHE A 158 -23.90 -3.06 6.14
N ILE A 159 -23.71 -2.08 5.26
CA ILE A 159 -23.06 -2.31 3.97
C ILE A 159 -21.60 -1.90 4.13
N ASP A 160 -20.75 -2.89 4.35
CA ASP A 160 -19.31 -2.68 4.43
C ASP A 160 -18.71 -2.62 3.04
N THR A 161 -17.66 -1.82 2.90
CA THR A 161 -16.92 -1.83 1.65
C THR A 161 -15.42 -1.91 1.78
N GLU A 162 -14.81 -1.54 2.91
CA GLU A 162 -13.36 -1.65 2.95
C GLU A 162 -12.95 -3.05 3.37
N ASN A 163 -12.93 -3.35 4.67
CA ASN A 163 -13.00 -4.71 5.19
C ASN A 163 -13.51 -4.74 6.62
N THR A 164 -13.80 -3.57 7.19
CA THR A 164 -13.76 -3.40 8.65
C THR A 164 -15.12 -3.66 9.25
N PHE A 165 -15.42 -4.94 9.49
CA PHE A 165 -16.59 -5.34 10.24
C PHE A 165 -16.19 -6.44 11.23
N ARG A 166 -15.18 -6.16 12.05
CA ARG A 166 -14.84 -7.07 13.15
C ARG A 166 -16.02 -7.17 14.11
N PRO A 167 -16.68 -8.32 14.21
CA PRO A 167 -17.92 -8.39 14.99
C PRO A 167 -17.68 -8.45 16.49
N ASP A 168 -16.50 -8.91 16.90
CA ASP A 168 -16.21 -9.04 18.32
C ASP A 168 -16.01 -7.68 19.00
N ARG A 169 -15.83 -6.63 18.21
CA ARG A 169 -15.84 -5.27 18.75
C ARG A 169 -17.21 -4.83 19.21
N LEU A 170 -18.27 -5.47 18.72
CA LEU A 170 -19.60 -5.18 19.24
C LEU A 170 -19.77 -5.75 20.64
N ARG A 171 -19.07 -6.84 20.96
CA ARG A 171 -19.27 -7.52 22.22
C ARG A 171 -18.67 -6.74 23.39
N ASP A 172 -17.69 -5.88 23.12
CA ASP A 172 -17.17 -5.04 24.20
C ASP A 172 -18.13 -3.90 24.51
N ILE A 173 -18.72 -3.29 23.48
CA ILE A 173 -19.67 -2.20 23.69
C ILE A 173 -20.99 -2.69 24.22
N ALA A 174 -21.33 -3.96 23.98
CA ALA A 174 -22.53 -4.54 24.58
C ALA A 174 -22.44 -4.65 26.09
N ASP A 175 -21.22 -4.70 26.64
CA ASP A 175 -21.07 -4.80 28.09
C ASP A 175 -21.32 -3.47 28.76
N ARG A 176 -20.81 -2.37 28.19
CA ARG A 176 -20.92 -1.07 28.84
C ARG A 176 -22.31 -0.47 28.73
N PHE A 177 -23.20 -1.06 27.93
CA PHE A 177 -24.62 -0.75 27.97
C PHE A 177 -25.43 -1.85 28.65
N ASN A 178 -24.76 -2.90 29.14
CA ASN A 178 -25.36 -3.99 29.93
C ASN A 178 -26.45 -4.73 29.16
N VAL A 179 -26.09 -5.19 27.96
CA VAL A 179 -27.00 -5.93 27.09
C VAL A 179 -26.44 -7.33 26.92
N ASP A 180 -27.30 -8.29 26.62
CA ASP A 180 -26.88 -9.64 26.28
C ASP A 180 -26.06 -9.65 25.00
N HIS A 181 -25.20 -10.65 24.87
CA HIS A 181 -24.30 -10.71 23.72
C HIS A 181 -25.02 -11.18 22.47
N ASP A 182 -25.60 -12.38 22.50
CA ASP A 182 -26.17 -12.99 21.32
C ASP A 182 -27.58 -12.50 21.02
N ALA A 183 -28.13 -11.61 21.85
CA ALA A 183 -29.40 -11.02 21.53
C ALA A 183 -29.25 -9.88 20.54
N VAL A 184 -28.03 -9.35 20.39
CA VAL A 184 -27.78 -8.22 19.52
C VAL A 184 -26.97 -8.59 18.29
N LEU A 185 -26.41 -9.80 18.23
CA LEU A 185 -25.64 -10.18 17.06
C LEU A 185 -26.48 -10.72 15.92
N ASP A 186 -27.81 -10.72 16.06
CA ASP A 186 -28.68 -11.14 14.96
C ASP A 186 -29.42 -9.99 14.32
N ASN A 187 -29.56 -8.86 15.02
CA ASN A 187 -30.35 -7.74 14.55
C ASN A 187 -29.54 -6.78 13.69
N VAL A 188 -28.36 -7.19 13.24
CA VAL A 188 -27.59 -6.42 12.28
C VAL A 188 -27.33 -7.31 11.06
N LEU A 189 -27.56 -6.75 9.88
CA LEU A 189 -27.38 -7.48 8.64
C LEU A 189 -26.15 -6.96 7.91
N TYR A 190 -25.40 -7.87 7.32
CA TYR A 190 -24.08 -7.55 6.82
C TYR A 190 -23.93 -8.06 5.39
N ALA A 191 -23.29 -7.24 4.56
CA ALA A 191 -22.96 -7.60 3.19
C ALA A 191 -21.81 -6.71 2.74
N ARG A 192 -20.85 -7.28 2.03
CA ARG A 192 -19.73 -6.52 1.53
C ARG A 192 -19.84 -6.37 0.01
N ALA A 193 -19.82 -5.13 -0.46
CA ALA A 193 -19.71 -4.88 -1.88
C ALA A 193 -18.25 -4.98 -2.32
N TYR A 194 -18.06 -5.42 -3.56
CA TYR A 194 -16.73 -5.67 -4.07
C TYR A 194 -16.38 -4.73 -5.21
N THR A 195 -17.40 -4.08 -5.76
CA THR A 195 -17.26 -3.28 -6.97
C THR A 195 -18.27 -2.14 -6.87
N SER A 196 -17.93 -0.99 -7.47
CA SER A 196 -18.80 0.18 -7.40
C SER A 196 -20.16 -0.05 -8.07
N GLU A 197 -20.23 -0.93 -9.06
CA GLU A 197 -21.54 -1.29 -9.59
C GLU A 197 -22.25 -2.28 -8.67
N HIS A 198 -21.48 -3.11 -7.96
CA HIS A 198 -22.09 -4.04 -7.02
C HIS A 198 -22.68 -3.32 -5.82
N GLN A 199 -22.09 -2.18 -5.46
CA GLN A 199 -22.64 -1.37 -4.38
C GLN A 199 -23.98 -0.76 -4.77
N MET A 200 -24.16 -0.44 -6.05
CA MET A 200 -25.40 0.18 -6.50
C MET A 200 -26.55 -0.83 -6.53
N GLU A 201 -26.32 -2.01 -7.11
CA GLU A 201 -27.36 -3.02 -7.21
C GLU A 201 -27.74 -3.63 -5.87
N LEU A 202 -26.87 -3.51 -4.87
CA LEU A 202 -27.18 -4.04 -3.56
C LEU A 202 -28.16 -3.17 -2.79
N LEU A 203 -28.43 -1.96 -3.28
CA LEU A 203 -29.49 -1.16 -2.71
C LEU A 203 -30.87 -1.70 -3.05
N ASP A 204 -30.99 -2.50 -4.11
CA ASP A 204 -32.28 -3.08 -4.45
C ASP A 204 -32.67 -4.17 -3.47
N TYR A 205 -31.70 -4.85 -2.87
CA TYR A 205 -32.00 -5.80 -1.81
C TYR A 205 -32.43 -5.10 -0.54
N VAL A 206 -31.98 -3.87 -0.33
CA VAL A 206 -32.40 -3.09 0.83
C VAL A 206 -33.87 -2.73 0.72
N ALA A 207 -34.33 -2.40 -0.48
CA ALA A 207 -35.74 -2.07 -0.69
C ALA A 207 -36.63 -3.29 -0.48
N ALA A 208 -36.16 -4.48 -0.87
CA ALA A 208 -36.94 -5.68 -0.63
C ALA A 208 -36.94 -6.04 0.85
N LYS A 209 -35.84 -5.79 1.54
CA LYS A 209 -35.74 -6.13 2.95
C LYS A 209 -36.53 -5.18 3.83
N PHE A 210 -36.62 -3.91 3.44
CA PHE A 210 -37.33 -2.94 4.27
C PHE A 210 -38.84 -3.08 4.14
N HIS A 211 -39.32 -3.44 2.95
CA HIS A 211 -40.74 -3.30 2.65
C HIS A 211 -41.59 -4.37 3.34
N GLU A 212 -41.09 -5.60 3.39
CA GLU A 212 -41.89 -6.69 3.94
C GLU A 212 -41.98 -6.66 5.47
N GLU A 213 -41.16 -5.87 6.15
CA GLU A 213 -41.26 -5.69 7.59
C GLU A 213 -41.25 -4.20 7.89
N ALA A 214 -42.43 -3.62 7.99
CA ALA A 214 -42.55 -2.18 8.20
C ALA A 214 -42.33 -1.86 9.68
N GLY A 215 -41.23 -1.20 9.99
CA GLY A 215 -41.00 -0.68 11.32
C GLY A 215 -40.01 -1.45 12.17
N ILE A 216 -39.50 -2.59 11.69
CA ILE A 216 -38.52 -3.33 12.48
C ILE A 216 -37.09 -2.92 12.17
N PHE A 217 -36.88 -2.18 11.08
CA PHE A 217 -35.59 -1.61 10.77
C PHE A 217 -35.57 -0.13 11.12
N LYS A 218 -34.41 0.35 11.54
CA LYS A 218 -34.30 1.73 11.97
C LYS A 218 -33.28 2.54 11.18
N LEU A 219 -32.11 1.97 10.87
CA LEU A 219 -31.13 2.76 10.13
C LEU A 219 -30.25 1.85 9.28
N LEU A 220 -29.47 2.50 8.41
CA LEU A 220 -28.61 1.85 7.44
C LEU A 220 -27.24 2.53 7.47
N ILE A 221 -26.18 1.73 7.37
CA ILE A 221 -24.83 2.25 7.33
C ILE A 221 -24.15 1.76 6.06
N ILE A 222 -23.77 2.68 5.21
CA ILE A 222 -22.76 2.42 4.20
C ILE A 222 -21.42 2.84 4.81
N ASP A 223 -20.39 2.01 4.63
CA ASP A 223 -19.11 2.30 5.28
C ASP A 223 -18.44 3.50 4.62
N SER A 224 -18.10 3.38 3.34
CA SER A 224 -17.44 4.50 2.66
C SER A 224 -17.81 4.45 1.19
N ILE A 225 -18.74 5.33 0.79
CA ILE A 225 -19.22 5.38 -0.58
C ILE A 225 -18.11 5.68 -1.57
N MET A 226 -17.13 6.49 -1.19
CA MET A 226 -16.06 6.86 -2.10
C MET A 226 -14.86 5.94 -2.02
N ALA A 227 -14.96 4.83 -1.30
CA ALA A 227 -13.84 3.91 -1.21
C ALA A 227 -13.64 3.09 -2.48
N LEU A 228 -14.70 2.90 -3.27
CA LEU A 228 -14.61 2.16 -4.50
C LEU A 228 -14.73 3.02 -5.74
N PHE A 229 -15.37 4.19 -5.63
CA PHE A 229 -15.49 5.08 -6.79
C PHE A 229 -14.15 5.70 -7.16
N ARG A 230 -13.29 5.95 -6.18
CA ARG A 230 -11.99 6.54 -6.48
C ARG A 230 -11.01 5.54 -7.05
N VAL A 231 -11.29 4.24 -6.93
CA VAL A 231 -10.41 3.20 -7.43
C VAL A 231 -10.82 2.74 -8.82
N ASP A 232 -12.11 2.47 -9.01
CA ASP A 232 -12.60 1.92 -10.26
C ASP A 232 -12.59 2.93 -11.40
N PHE A 233 -12.43 4.21 -11.10
CA PHE A 233 -12.38 5.24 -12.11
C PHE A 233 -11.07 6.01 -12.02
N SER A 234 -10.52 6.34 -13.19
CA SER A 234 -9.25 7.03 -13.32
C SER A 234 -9.40 8.53 -13.10
N GLY A 235 -8.44 9.31 -13.56
CA GLY A 235 -8.44 10.74 -13.32
C GLY A 235 -9.35 11.49 -14.25
N ARG A 236 -8.82 12.48 -14.98
CA ARG A 236 -9.65 13.42 -15.72
C ARG A 236 -10.38 12.81 -16.90
N GLY A 237 -9.99 11.61 -17.34
CA GLY A 237 -10.74 10.94 -18.38
C GLY A 237 -12.10 10.48 -17.91
N GLU A 238 -12.12 9.62 -16.89
CA GLU A 238 -13.36 9.05 -16.39
C GLU A 238 -13.93 9.81 -15.20
N LEU A 239 -13.69 11.11 -15.12
CA LEU A 239 -14.17 11.87 -13.97
C LEU A 239 -15.67 12.13 -14.06
N ALA A 240 -16.14 12.60 -15.22
CA ALA A 240 -17.56 12.87 -15.38
C ALA A 240 -18.37 11.60 -15.43
N GLU A 241 -17.77 10.50 -15.88
CA GLU A 241 -18.43 9.20 -15.83
C GLU A 241 -18.63 8.75 -14.40
N ARG A 242 -17.68 9.06 -13.52
CA ARG A 242 -17.75 8.65 -12.13
C ARG A 242 -18.72 9.52 -11.35
N GLN A 243 -18.69 10.84 -11.58
CA GLN A 243 -19.55 11.73 -10.82
C GLN A 243 -21.01 11.60 -11.22
N GLN A 244 -21.28 11.15 -12.45
CA GLN A 244 -22.66 10.92 -12.84
C GLN A 244 -23.21 9.64 -12.20
N LYS A 245 -22.37 8.61 -12.08
CA LYS A 245 -22.83 7.39 -11.43
C LYS A 245 -22.96 7.56 -9.93
N LEU A 246 -22.25 8.52 -9.35
CA LEU A 246 -22.37 8.78 -7.93
C LEU A 246 -23.69 9.47 -7.62
N ALA A 247 -24.15 10.34 -8.51
CA ALA A 247 -25.38 11.08 -8.27
C ALA A 247 -26.60 10.19 -8.30
N GLN A 248 -26.54 9.08 -9.03
CA GLN A 248 -27.65 8.12 -9.00
C GLN A 248 -27.69 7.39 -7.68
N MET A 249 -26.55 7.20 -7.03
CA MET A 249 -26.54 6.49 -5.77
C MET A 249 -27.08 7.34 -4.63
N LEU A 250 -26.65 8.60 -4.54
CA LEU A 250 -27.10 9.45 -3.45
C LEU A 250 -28.57 9.82 -3.59
N SER A 251 -29.08 9.88 -4.81
CA SER A 251 -30.49 10.17 -5.00
C SER A 251 -31.35 8.98 -4.63
N ARG A 252 -30.84 7.77 -4.87
CA ARG A 252 -31.57 6.57 -4.47
C ARG A 252 -31.63 6.43 -2.97
N LEU A 253 -30.55 6.81 -2.27
CA LEU A 253 -30.53 6.76 -0.82
C LEU A 253 -31.45 7.81 -0.21
N GLN A 254 -31.60 8.95 -0.88
CA GLN A 254 -32.54 9.95 -0.39
C GLN A 254 -33.98 9.49 -0.53
N LYS A 255 -34.27 8.71 -1.59
CA LYS A 255 -35.62 8.21 -1.78
C LYS A 255 -35.99 7.15 -0.76
N ILE A 256 -35.02 6.31 -0.37
CA ILE A 256 -35.28 5.25 0.58
C ILE A 256 -35.56 5.82 1.96
N SER A 257 -34.84 6.88 2.34
CA SER A 257 -34.99 7.49 3.65
C SER A 257 -36.33 8.22 3.81
N GLU A 258 -37.05 8.49 2.72
CA GLU A 258 -38.42 8.96 2.82
C GLU A 258 -39.43 7.83 2.63
N GLU A 259 -39.06 6.78 1.91
CA GLU A 259 -39.99 5.69 1.61
C GLU A 259 -40.28 4.86 2.85
N TYR A 260 -39.30 4.72 3.74
CA TYR A 260 -39.43 3.85 4.89
C TYR A 260 -39.13 4.53 6.21
N ASN A 261 -38.73 5.81 6.19
CA ASN A 261 -38.40 6.61 7.37
C ASN A 261 -37.28 5.97 8.20
N VAL A 262 -36.10 5.87 7.58
CA VAL A 262 -34.92 5.33 8.22
C VAL A 262 -33.79 6.33 8.09
N ALA A 263 -32.79 6.18 8.95
CA ALA A 263 -31.61 7.01 8.94
C ALA A 263 -30.50 6.36 8.13
N VAL A 264 -29.60 7.19 7.61
CA VAL A 264 -28.44 6.69 6.87
C VAL A 264 -27.21 7.41 7.39
N PHE A 265 -26.11 6.66 7.51
CA PHE A 265 -24.86 7.19 8.02
C PHE A 265 -23.75 6.77 7.06
N VAL A 266 -23.07 7.75 6.48
CA VAL A 266 -22.04 7.50 5.48
C VAL A 266 -20.75 8.19 5.88
N THR A 267 -19.62 7.55 5.59
CA THR A 267 -18.31 8.13 5.81
C THR A 267 -17.57 8.21 4.49
N ASN A 268 -16.46 8.96 4.48
CA ASN A 268 -15.59 9.02 3.31
C ASN A 268 -14.20 9.45 3.74
N GLN A 269 -13.24 9.25 2.83
CA GLN A 269 -11.84 9.52 3.06
C GLN A 269 -11.54 11.01 2.86
N MET A 270 -10.26 11.36 2.76
CA MET A 270 -9.85 12.74 2.56
C MET A 270 -8.70 12.79 1.55
N THR A 271 -8.40 14.00 1.09
CA THR A 271 -7.29 14.23 0.16
C THR A 271 -6.61 15.55 0.48
N ALA A 272 -5.40 15.71 -0.05
CA ALA A 272 -4.58 16.87 0.24
C ALA A 272 -4.84 17.97 -0.80
N ASP A 273 -3.98 18.99 -0.81
CA ASP A 273 -4.16 20.14 -1.69
C ASP A 273 -2.79 20.80 -1.87
N PRO A 274 -2.04 20.45 -2.90
CA PRO A 274 -0.77 21.14 -3.16
C PRO A 274 -0.92 22.47 -3.91
N GLY A 275 -2.13 23.01 -3.97
CA GLY A 275 -2.36 24.28 -4.61
C GLY A 275 -2.35 25.43 -3.63
N ALA A 276 -2.28 25.11 -2.35
CA ALA A 276 -2.27 26.12 -1.30
C ALA A 276 -0.85 26.65 -1.07
N PRO A 284 -5.52 22.60 4.55
CA PRO A 284 -5.03 22.09 3.27
C PRO A 284 -5.53 20.68 2.98
N LYS A 285 -6.63 20.29 3.62
CA LYS A 285 -7.24 18.98 3.41
C LYS A 285 -8.69 19.17 3.02
N LYS A 286 -9.15 18.39 2.06
CA LYS A 286 -10.52 18.45 1.63
C LYS A 286 -11.10 17.04 1.57
N PRO A 287 -12.36 16.87 1.90
CA PRO A 287 -12.98 15.55 1.72
C PRO A 287 -13.31 15.31 0.26
N ILE A 288 -13.10 14.09 -0.18
CA ILE A 288 -13.28 13.76 -1.59
C ILE A 288 -14.77 13.58 -1.86
N GLY A 289 -15.13 13.68 -3.13
CA GLY A 289 -16.53 13.61 -3.51
C GLY A 289 -16.92 14.77 -4.40
N GLY A 290 -16.27 15.91 -4.22
CA GLY A 290 -16.57 17.06 -5.03
C GLY A 290 -17.85 17.75 -4.60
N HIS A 291 -18.40 18.54 -5.52
CA HIS A 291 -19.60 19.31 -5.22
C HIS A 291 -20.85 18.46 -5.18
N ILE A 292 -20.84 17.29 -5.81
CA ILE A 292 -22.01 16.43 -5.85
C ILE A 292 -22.31 15.88 -4.46
N LEU A 293 -21.29 15.37 -3.79
CA LEU A 293 -21.46 14.81 -2.46
C LEU A 293 -21.70 15.88 -1.41
N ALA A 294 -21.09 17.06 -1.56
CA ALA A 294 -21.24 18.09 -0.55
C ALA A 294 -22.64 18.68 -0.56
N HIS A 295 -23.27 18.75 -1.73
CA HIS A 295 -24.63 19.30 -1.81
C HIS A 295 -25.65 18.32 -1.26
N ALA A 296 -25.54 17.05 -1.63
CA ALA A 296 -26.57 16.06 -1.32
C ALA A 296 -26.54 15.59 0.13
N SER A 297 -25.49 15.89 0.89
CA SER A 297 -25.44 15.51 2.29
C SER A 297 -26.13 16.57 3.13
N THR A 298 -26.83 16.12 4.17
CA THR A 298 -27.55 17.07 5.00
C THR A 298 -26.68 17.62 6.12
N THR A 299 -25.97 16.76 6.86
CA THR A 299 -25.03 17.21 7.88
C THR A 299 -23.70 16.52 7.67
N ARG A 300 -22.62 17.27 7.77
CA ARG A 300 -21.27 16.71 7.70
C ARG A 300 -20.55 17.00 9.01
N ILE A 301 -19.89 15.99 9.56
CA ILE A 301 -19.22 16.12 10.84
C ILE A 301 -17.73 15.91 10.60
N SER A 302 -16.95 16.98 10.73
CA SER A 302 -15.51 16.85 10.64
C SER A 302 -14.95 16.26 11.92
N LEU A 303 -13.90 15.45 11.78
CA LEU A 303 -13.30 14.75 12.91
C LEU A 303 -11.79 14.93 12.84
N ARG A 304 -11.18 15.44 13.90
CA ARG A 304 -9.73 15.57 13.97
C ARG A 304 -9.23 15.12 15.32
N LYS A 305 -7.93 14.81 15.37
CA LYS A 305 -7.34 14.21 16.56
C LYS A 305 -6.98 15.27 17.59
N GLY A 306 -7.12 14.92 18.86
CA GLY A 306 -6.76 15.80 19.96
C GLY A 306 -5.49 15.35 20.65
N ARG A 307 -5.64 14.72 21.82
CA ARG A 307 -4.49 14.29 22.62
C ARG A 307 -4.74 12.88 23.12
N GLY A 308 -3.89 11.95 22.70
CA GLY A 308 -3.99 10.58 23.18
C GLY A 308 -5.20 9.84 22.65
N GLU A 309 -6.19 9.62 23.52
CA GLU A 309 -7.43 8.95 23.15
C GLU A 309 -8.58 9.93 23.03
N LEU A 310 -8.27 11.21 22.79
CA LEU A 310 -9.28 12.25 22.63
C LEU A 310 -9.33 12.73 21.19
N ARG A 311 -10.54 12.95 20.69
CA ARG A 311 -10.76 13.45 19.35
C ARG A 311 -11.68 14.66 19.40
N ILE A 312 -11.44 15.61 18.50
CA ILE A 312 -12.26 16.82 18.38
C ILE A 312 -13.19 16.63 17.19
N ALA A 313 -14.43 17.08 17.34
CA ALA A 313 -15.45 16.93 16.32
C ALA A 313 -16.12 18.27 16.06
N LYS A 314 -15.84 18.86 14.89
CA LYS A 314 -16.52 20.07 14.46
C LYS A 314 -17.79 19.68 13.70
N ILE A 315 -18.42 20.63 13.02
CA ILE A 315 -19.62 20.35 12.26
C ILE A 315 -19.63 21.26 11.02
N TYR A 316 -19.86 20.65 9.86
CA TYR A 316 -19.85 21.34 8.57
C TYR A 316 -21.21 21.20 7.93
N ASP A 317 -21.79 22.33 7.49
CA ASP A 317 -23.03 22.36 6.71
C ASP A 317 -24.19 21.67 7.43
N SER A 318 -24.62 22.26 8.49
CA SER A 318 -25.80 21.65 9.07
C SER A 318 -27.01 22.57 8.92
N PRO A 319 -28.20 22.01 8.70
CA PRO A 319 -29.42 22.83 8.70
C PRO A 319 -29.84 23.31 10.08
N GLU A 320 -29.26 22.78 11.17
CA GLU A 320 -29.46 23.39 12.49
C GLU A 320 -28.17 23.98 13.06
N MET A 321 -27.29 23.15 13.46
CA MET A 321 -26.43 23.55 14.55
C MET A 321 -25.21 24.29 14.03
N PRO A 322 -24.86 25.42 14.62
CA PRO A 322 -23.73 26.21 14.10
C PRO A 322 -22.41 25.56 14.47
N GLU A 323 -21.34 26.17 13.97
CA GLU A 323 -20.04 25.54 14.02
C GLU A 323 -19.44 25.57 15.43
N ASN A 324 -19.78 24.56 16.22
CA ASN A 324 -19.24 24.39 17.56
C ASN A 324 -18.49 23.07 17.62
N GLU A 325 -17.73 22.87 18.68
CA GLU A 325 -16.86 21.71 18.81
C GLU A 325 -17.25 20.89 20.02
N ALA A 326 -16.72 19.69 20.09
CA ALA A 326 -16.95 18.79 21.22
C ALA A 326 -15.67 17.98 21.42
N THR A 327 -15.75 16.91 22.19
CA THR A 327 -14.58 16.09 22.47
C THR A 327 -15.02 14.66 22.74
N PHE A 328 -14.54 13.72 21.93
CA PHE A 328 -14.84 12.32 22.14
C PHE A 328 -13.97 11.73 23.23
N ALA A 329 -14.06 10.41 23.34
CA ALA A 329 -13.01 9.56 23.89
C ALA A 329 -13.29 8.18 23.29
N ILE A 330 -12.45 7.75 22.37
CA ILE A 330 -12.53 6.36 21.92
C ILE A 330 -11.90 5.55 23.03
N THR A 331 -12.60 4.55 23.49
CA THR A 331 -12.28 3.87 24.73
C THR A 331 -11.96 2.42 24.44
N ALA A 332 -11.97 1.62 25.50
CA ALA A 332 -12.44 0.25 25.38
C ALA A 332 -13.96 0.31 25.35
N GLY A 333 -14.55 0.33 24.16
CA GLY A 333 -15.99 0.41 24.08
C GLY A 333 -16.56 1.57 23.28
N GLY A 334 -15.81 2.06 22.30
CA GLY A 334 -16.37 3.06 21.41
C GLY A 334 -16.33 4.45 22.01
N ILE A 335 -17.39 5.21 21.75
CA ILE A 335 -17.40 6.63 22.09
C ILE A 335 -17.80 6.80 23.55
N GLY A 336 -17.03 7.59 24.28
CA GLY A 336 -17.31 7.92 25.67
C GLY A 336 -17.20 9.41 25.88
N ASP A 337 -16.49 9.78 26.95
CA ASP A 337 -16.26 11.19 27.26
C ASP A 337 -14.89 11.42 27.88
N GLN B 22 -15.40 -23.42 -7.10
CA GLN B 22 -14.41 -22.35 -7.01
C GLN B 22 -13.87 -21.98 -8.38
N ASP B 23 -13.30 -22.95 -9.10
CA ASP B 23 -12.81 -22.71 -10.45
C ASP B 23 -13.96 -22.42 -11.40
N ILE B 24 -13.69 -21.66 -12.44
CA ILE B 24 -14.75 -21.20 -13.36
C ILE B 24 -14.90 -22.28 -14.42
N ASP B 25 -15.48 -23.41 -14.02
CA ASP B 25 -16.16 -24.35 -14.90
C ASP B 25 -17.56 -24.64 -14.41
N LEU B 26 -18.01 -24.00 -13.33
CA LEU B 26 -19.35 -24.20 -12.82
C LEU B 26 -20.39 -23.37 -13.56
N LEU B 27 -19.97 -22.59 -14.55
CA LEU B 27 -20.86 -21.71 -15.29
C LEU B 27 -21.34 -22.31 -16.60
N GLN B 28 -20.60 -23.28 -17.16
CA GLN B 28 -20.92 -23.84 -18.47
C GLN B 28 -22.18 -24.69 -18.45
N LYS B 29 -22.62 -25.12 -17.27
CA LYS B 29 -23.89 -25.82 -17.12
C LYS B 29 -25.07 -24.86 -17.01
N HIS B 30 -24.86 -23.58 -17.29
CA HIS B 30 -25.91 -22.57 -17.23
C HIS B 30 -26.02 -21.76 -18.51
N GLY B 31 -25.48 -22.26 -19.62
CA GLY B 31 -25.59 -21.61 -20.91
C GLY B 31 -24.29 -21.06 -21.47
N ILE B 32 -23.22 -21.03 -20.69
CA ILE B 32 -21.95 -20.46 -21.11
C ILE B 32 -21.24 -21.46 -22.01
N ASN B 33 -20.91 -21.04 -23.23
CA ASN B 33 -20.13 -21.88 -24.13
C ASN B 33 -18.65 -21.83 -23.78
N VAL B 34 -17.94 -22.92 -24.13
CA VAL B 34 -16.54 -23.08 -23.74
C VAL B 34 -15.57 -22.33 -24.63
N ALA B 35 -16.07 -21.59 -25.62
CA ALA B 35 -15.19 -20.87 -26.55
C ALA B 35 -14.60 -19.60 -25.95
N ASP B 36 -15.29 -18.98 -24.98
CA ASP B 36 -14.81 -17.75 -24.40
C ASP B 36 -14.58 -17.84 -22.89
N ILE B 37 -14.78 -19.01 -22.28
CA ILE B 37 -14.50 -19.11 -20.85
C ILE B 37 -13.01 -19.35 -20.63
N LYS B 38 -12.32 -19.91 -21.62
CA LYS B 38 -10.86 -19.88 -21.65
C LYS B 38 -10.32 -18.51 -22.03
N LYS B 39 -11.17 -17.61 -22.56
CA LYS B 39 -10.69 -16.28 -22.92
C LYS B 39 -10.47 -15.43 -21.66
N LEU B 40 -11.40 -15.50 -20.72
CA LEU B 40 -11.24 -14.73 -19.49
C LEU B 40 -10.15 -15.31 -18.60
N LYS B 41 -9.78 -16.57 -18.79
CA LYS B 41 -8.57 -17.15 -18.21
C LYS B 41 -7.32 -16.45 -18.71
N SER B 42 -7.27 -16.04 -19.98
CA SER B 42 -6.13 -15.34 -20.54
C SER B 42 -5.96 -13.94 -19.99
N VAL B 43 -6.99 -13.36 -19.39
CA VAL B 43 -6.80 -12.11 -18.65
C VAL B 43 -6.21 -12.40 -17.28
N GLY B 44 -6.68 -13.46 -16.62
CA GLY B 44 -6.16 -13.82 -15.32
C GLY B 44 -7.23 -14.30 -14.35
N ILE B 45 -8.49 -14.21 -14.77
CA ILE B 45 -9.60 -14.61 -13.90
C ILE B 45 -9.62 -16.13 -13.79
N CYS B 46 -9.59 -16.63 -12.55
CA CYS B 46 -9.51 -18.06 -12.30
C CYS B 46 -10.54 -18.58 -11.31
N THR B 47 -11.33 -17.73 -10.67
CA THR B 47 -12.20 -18.16 -9.59
C THR B 47 -13.60 -17.59 -9.75
N ILE B 48 -14.51 -18.15 -8.96
CA ILE B 48 -15.92 -17.77 -9.02
C ILE B 48 -16.14 -16.40 -8.38
N LYS B 49 -15.20 -15.94 -7.57
CA LYS B 49 -15.22 -14.59 -7.05
C LYS B 49 -14.53 -13.60 -7.98
N GLY B 50 -13.88 -14.09 -9.04
CA GLY B 50 -13.22 -13.18 -9.96
C GLY B 50 -14.21 -12.34 -10.74
N ILE B 51 -15.37 -12.91 -11.07
CA ILE B 51 -16.45 -12.15 -11.67
C ILE B 51 -17.21 -11.33 -10.63
N GLN B 52 -17.06 -11.65 -9.35
CA GLN B 52 -17.62 -10.82 -8.30
C GLN B 52 -16.79 -9.57 -8.06
N MET B 53 -15.52 -9.60 -8.45
CA MET B 53 -14.57 -8.53 -8.17
C MET B 53 -14.13 -7.82 -9.44
N THR B 54 -15.04 -7.62 -10.39
CA THR B 54 -14.73 -6.94 -11.62
C THR B 54 -15.82 -5.93 -11.96
N THR B 55 -15.41 -4.79 -12.50
CA THR B 55 -16.40 -3.85 -13.01
C THR B 55 -17.01 -4.38 -14.30
N ARG B 56 -18.17 -3.85 -14.65
CA ARG B 56 -18.81 -4.33 -15.88
C ARG B 56 -18.22 -3.63 -17.11
N ARG B 57 -17.42 -2.58 -16.90
CA ARG B 57 -16.77 -1.92 -18.02
C ARG B 57 -15.36 -2.44 -18.26
N ALA B 58 -14.77 -3.15 -17.29
CA ALA B 58 -13.53 -3.85 -17.56
C ALA B 58 -13.72 -5.01 -18.53
N LEU B 59 -14.93 -5.59 -18.57
CA LEU B 59 -15.31 -6.58 -19.57
C LEU B 59 -15.88 -5.94 -20.82
N CYS B 60 -15.63 -4.66 -21.02
CA CYS B 60 -15.83 -3.98 -22.29
C CYS B 60 -14.53 -3.71 -23.01
N ASN B 61 -13.40 -3.91 -22.35
CA ASN B 61 -12.11 -3.46 -22.84
C ASN B 61 -11.32 -4.56 -23.54
N VAL B 62 -11.72 -5.82 -23.38
CA VAL B 62 -10.91 -6.95 -23.81
C VAL B 62 -11.31 -7.35 -25.22
N LYS B 63 -10.35 -7.92 -25.97
CA LYS B 63 -10.50 -8.13 -27.40
C LYS B 63 -11.45 -9.30 -27.63
N GLY B 64 -12.66 -9.02 -28.10
CA GLY B 64 -13.56 -10.06 -28.55
C GLY B 64 -14.73 -10.39 -27.65
N LEU B 65 -15.07 -9.52 -26.69
CA LEU B 65 -16.26 -9.70 -25.86
C LEU B 65 -17.10 -8.44 -26.02
N SER B 66 -18.34 -8.62 -26.42
CA SER B 66 -19.19 -7.49 -26.79
C SER B 66 -19.90 -6.95 -25.55
N GLU B 67 -20.51 -5.78 -25.71
CA GLU B 67 -21.20 -5.11 -24.62
C GLU B 67 -22.55 -5.73 -24.31
N ALA B 68 -23.08 -6.58 -25.19
CA ALA B 68 -24.42 -7.12 -25.03
C ALA B 68 -24.46 -8.62 -24.76
N LYS B 69 -23.34 -9.22 -24.37
CA LYS B 69 -23.35 -10.64 -24.02
C LYS B 69 -22.85 -10.90 -22.60
N VAL B 70 -22.42 -9.87 -21.88
CA VAL B 70 -21.77 -10.05 -20.59
C VAL B 70 -22.75 -10.46 -19.50
N ASP B 71 -24.06 -10.29 -19.74
CA ASP B 71 -25.06 -10.52 -18.70
C ASP B 71 -25.23 -12.00 -18.37
N LYS B 72 -24.89 -12.90 -19.31
CA LYS B 72 -25.04 -14.32 -19.06
C LYS B 72 -24.00 -14.87 -18.10
N ILE B 73 -22.86 -14.19 -17.95
CA ILE B 73 -21.92 -14.56 -16.89
C ILE B 73 -22.48 -14.11 -15.55
N LYS B 74 -23.12 -12.93 -15.52
CA LYS B 74 -23.77 -12.47 -14.30
C LYS B 74 -25.07 -13.19 -14.03
N GLU B 75 -25.59 -13.95 -15.01
CA GLU B 75 -26.70 -14.85 -14.75
C GLU B 75 -26.30 -15.97 -13.80
N ALA B 76 -25.12 -16.54 -13.99
CA ALA B 76 -24.62 -17.59 -13.12
C ALA B 76 -23.86 -17.06 -11.93
N ALA B 77 -23.86 -15.74 -11.70
CA ALA B 77 -23.19 -15.17 -10.55
C ALA B 77 -24.06 -15.18 -9.30
N ASN B 78 -25.32 -14.75 -9.42
CA ASN B 78 -26.18 -14.66 -8.25
C ASN B 78 -26.75 -16.01 -7.86
N LYS B 79 -26.97 -16.90 -8.83
CA LYS B 79 -27.47 -18.23 -8.52
C LYS B 79 -26.35 -19.18 -8.09
N LEU B 80 -25.10 -18.73 -8.12
CA LEU B 80 -24.01 -19.51 -7.53
C LEU B 80 -23.41 -18.85 -6.30
N ILE B 81 -23.27 -17.54 -6.24
CA ILE B 81 -22.86 -16.81 -5.05
C ILE B 81 -24.00 -15.83 -4.77
N GLU B 82 -24.85 -16.15 -3.79
CA GLU B 82 -26.08 -15.38 -3.64
C GLU B 82 -25.80 -14.21 -2.71
N PRO B 83 -25.94 -12.96 -3.17
CA PRO B 83 -25.62 -11.80 -2.33
C PRO B 83 -26.82 -11.30 -1.54
N GLY B 84 -27.26 -12.11 -0.58
CA GLY B 84 -28.37 -11.71 0.25
C GLY B 84 -27.93 -10.81 1.39
N PHE B 85 -28.32 -11.15 2.61
CA PHE B 85 -27.91 -10.37 3.78
C PHE B 85 -27.57 -11.36 4.89
N LEU B 86 -26.29 -11.65 5.05
CA LEU B 86 -25.85 -12.50 6.13
C LEU B 86 -25.99 -11.76 7.45
N THR B 87 -26.50 -12.47 8.46
CA THR B 87 -26.51 -11.89 9.79
C THR B 87 -25.12 -11.96 10.40
N ALA B 88 -24.85 -11.05 11.33
CA ALA B 88 -23.52 -10.98 11.91
C ALA B 88 -23.24 -12.12 12.88
N PHE B 89 -24.29 -12.76 13.41
CA PHE B 89 -24.09 -13.98 14.18
C PHE B 89 -23.50 -15.07 13.30
N GLU B 90 -24.02 -15.22 12.08
CA GLU B 90 -23.43 -16.15 11.12
C GLU B 90 -22.06 -15.67 10.68
N TYR B 91 -21.90 -14.36 10.52
CA TYR B 91 -20.61 -13.81 10.12
C TYR B 91 -19.57 -13.94 11.23
N SER B 92 -20.00 -14.08 12.49
CA SER B 92 -19.07 -14.39 13.57
C SER B 92 -18.47 -15.78 13.38
N GLU B 93 -19.28 -16.77 12.99
CA GLU B 93 -18.73 -18.09 12.70
C GLU B 93 -18.17 -18.18 11.29
N LYS B 94 -18.48 -17.21 10.43
CA LYS B 94 -17.88 -17.20 9.09
C LYS B 94 -16.42 -16.80 9.16
N ARG B 95 -16.08 -15.89 10.06
CA ARG B 95 -14.73 -15.33 10.18
C ARG B 95 -13.79 -16.22 10.98
N LYS B 96 -14.19 -17.45 11.31
CA LYS B 96 -13.30 -18.34 12.04
C LYS B 96 -12.18 -18.90 11.19
N MET B 97 -12.28 -18.78 9.86
CA MET B 97 -11.26 -19.33 8.98
C MET B 97 -10.00 -18.48 8.90
N VAL B 98 -9.99 -17.29 9.53
CA VAL B 98 -8.80 -16.47 9.53
C VAL B 98 -7.75 -17.10 10.45
N PHE B 99 -6.49 -16.77 10.21
CA PHE B 99 -5.41 -17.30 11.03
C PHE B 99 -4.53 -16.15 11.50
N HIS B 100 -3.54 -16.49 12.32
CA HIS B 100 -2.65 -15.47 12.87
C HIS B 100 -1.22 -15.96 12.82
N ILE B 101 -0.33 -15.08 12.37
CA ILE B 101 1.09 -15.39 12.26
C ILE B 101 1.78 -14.73 13.45
N THR B 102 2.51 -15.53 14.22
CA THR B 102 3.30 -14.95 15.30
C THR B 102 4.56 -14.31 14.74
N THR B 103 5.02 -13.27 15.43
CA THR B 103 6.19 -12.51 14.99
C THR B 103 7.50 -13.05 15.56
N GLY B 104 7.50 -13.45 16.82
CA GLY B 104 8.70 -13.98 17.43
C GLY B 104 8.84 -13.59 18.89
N SER B 105 8.12 -12.57 19.31
CA SER B 105 8.15 -12.09 20.68
C SER B 105 6.92 -12.57 21.43
N GLN B 106 6.73 -12.02 22.63
CA GLN B 106 5.53 -12.27 23.42
C GLN B 106 4.68 -11.03 23.60
N GLU B 107 5.31 -9.88 23.87
CA GLU B 107 4.56 -8.65 24.05
C GLU B 107 4.19 -8.01 22.72
N PHE B 108 4.86 -8.38 21.64
CA PHE B 108 4.58 -7.80 20.34
C PHE B 108 3.29 -8.34 19.73
N ASP B 109 3.06 -9.64 19.79
CA ASP B 109 1.75 -10.18 19.43
C ASP B 109 0.74 -10.13 20.56
N LYS B 110 1.16 -9.83 21.78
CA LYS B 110 0.21 -9.34 22.76
C LYS B 110 -0.34 -7.99 22.34
N LEU B 111 0.50 -7.17 21.73
CA LEU B 111 0.08 -5.89 21.18
C LEU B 111 -0.79 -6.05 19.95
N LEU B 112 -0.73 -7.18 19.26
CA LEU B 112 -1.53 -7.38 18.06
C LEU B 112 -2.67 -8.38 18.25
N GLY B 113 -2.54 -9.35 19.14
CA GLY B 113 -3.59 -10.33 19.36
C GLY B 113 -3.42 -11.56 18.50
N GLY B 114 -2.26 -12.19 18.60
CA GLY B 114 -1.89 -13.29 17.74
C GLY B 114 -0.99 -12.89 16.59
N GLY B 115 -0.74 -11.61 16.39
CA GLY B 115 0.14 -11.14 15.33
C GLY B 115 -0.65 -10.64 14.14
N ILE B 116 -0.31 -11.16 12.95
CA ILE B 116 -0.81 -10.63 11.69
C ILE B 116 -2.13 -11.30 11.33
N GLU B 117 -3.13 -10.47 10.98
CA GLU B 117 -4.41 -10.96 10.50
C GLU B 117 -4.26 -11.53 9.10
N SER B 118 -5.25 -12.27 8.64
CA SER B 118 -5.16 -12.96 7.37
C SER B 118 -6.10 -12.42 6.31
N MET B 119 -6.82 -11.35 6.58
CA MET B 119 -7.70 -10.74 5.59
C MET B 119 -7.56 -9.22 5.61
N ALA B 120 -6.32 -8.76 5.74
CA ALA B 120 -6.07 -7.33 5.98
C ALA B 120 -4.64 -7.00 5.57
N ILE B 121 -4.36 -5.71 5.49
CA ILE B 121 -3.06 -5.18 5.06
C ILE B 121 -2.38 -4.58 6.28
N THR B 122 -1.18 -5.06 6.59
CA THR B 122 -0.41 -4.58 7.73
C THR B 122 0.77 -3.75 7.25
N GLU B 123 1.05 -2.66 7.97
CA GLU B 123 2.11 -1.74 7.60
C GLU B 123 3.08 -1.57 8.77
N ALA B 124 4.35 -1.31 8.45
CA ALA B 124 5.36 -1.10 9.47
C ALA B 124 6.42 -0.16 8.93
N PHE B 125 6.68 0.94 9.63
CA PHE B 125 7.62 1.94 9.13
C PHE B 125 8.55 2.38 10.26
N GLY B 126 9.83 2.57 9.90
CA GLY B 126 10.85 2.93 10.87
C GLY B 126 11.73 4.05 10.34
N GLU B 127 12.73 4.42 11.15
CA GLU B 127 13.49 5.61 10.80
C GLU B 127 14.52 5.32 9.73
N PHE B 128 15.63 4.64 10.03
CA PHE B 128 16.33 3.94 8.96
C PHE B 128 16.88 2.58 9.41
N ARG B 129 17.38 2.48 10.63
CA ARG B 129 18.03 1.26 11.10
C ARG B 129 17.12 0.41 11.96
N THR B 130 15.82 0.67 11.94
CA THR B 130 14.95 0.23 13.02
C THR B 130 14.61 -1.25 12.90
N GLY B 131 15.04 -1.93 11.85
CA GLY B 131 14.78 -3.35 11.77
C GLY B 131 13.46 -3.66 11.11
N LYS B 132 13.24 -3.13 9.92
CA LYS B 132 12.03 -3.45 9.18
C LYS B 132 12.18 -4.79 8.46
N THR B 133 13.24 -4.94 7.68
CA THR B 133 13.48 -6.18 6.96
C THR B 133 13.85 -7.34 7.88
N GLN B 134 14.39 -7.04 9.07
CA GLN B 134 14.64 -8.10 10.04
C GLN B 134 13.33 -8.66 10.58
N LEU B 135 12.32 -7.82 10.75
CA LEU B 135 10.99 -8.30 11.09
C LEU B 135 10.40 -9.14 9.98
N SER B 136 10.72 -8.80 8.73
CA SER B 136 10.26 -9.60 7.60
C SER B 136 11.00 -10.93 7.52
N HIS B 137 12.29 -10.93 7.83
CA HIS B 137 13.08 -12.15 7.70
C HIS B 137 12.70 -13.19 8.75
N THR B 138 12.22 -12.75 9.90
CA THR B 138 11.68 -13.70 10.88
C THR B 138 10.36 -14.27 10.38
N LEU B 139 9.57 -13.45 9.70
CA LEU B 139 8.24 -13.89 9.25
C LEU B 139 8.31 -14.88 8.11
N CYS B 140 9.46 -15.01 7.43
CA CYS B 140 9.61 -16.10 6.48
C CYS B 140 9.91 -17.43 7.16
N VAL B 141 10.11 -17.44 8.47
CA VAL B 141 10.49 -18.63 9.21
C VAL B 141 9.40 -19.07 10.16
N THR B 142 8.80 -18.14 10.89
CA THR B 142 7.76 -18.53 11.82
C THR B 142 6.43 -18.87 11.14
N ALA B 143 6.27 -18.54 9.87
CA ALA B 143 5.01 -18.76 9.17
C ALA B 143 4.92 -20.14 8.54
N GLN B 144 5.99 -20.92 8.57
CA GLN B 144 5.98 -22.28 8.06
C GLN B 144 6.08 -23.31 9.19
N LEU B 145 5.86 -22.87 10.43
CA LEU B 145 5.86 -23.73 11.59
C LEU B 145 4.45 -23.84 12.15
N PRO B 146 3.98 -25.05 12.47
CA PRO B 146 2.61 -25.19 13.00
C PRO B 146 2.48 -24.66 14.41
N GLY B 147 1.83 -23.50 14.55
CA GLY B 147 1.78 -22.81 15.82
C GLY B 147 0.39 -22.66 16.40
N ALA B 148 0.16 -21.52 17.05
CA ALA B 148 -1.07 -21.32 17.82
C ALA B 148 -2.26 -21.06 16.90
N GLY B 149 -3.46 -21.25 17.46
CA GLY B 149 -4.68 -21.06 16.71
C GLY B 149 -4.96 -22.11 15.66
N GLY B 150 -4.27 -23.25 15.72
CA GLY B 150 -4.41 -24.23 14.67
C GLY B 150 -3.80 -23.84 13.35
N TYR B 151 -2.89 -22.89 13.34
CA TYR B 151 -2.29 -22.41 12.11
C TYR B 151 -1.25 -23.41 11.62
N PRO B 152 -1.45 -24.03 10.46
CA PRO B 152 -0.59 -25.16 10.08
C PRO B 152 0.70 -24.77 9.37
N GLY B 153 0.76 -23.56 8.82
CA GLY B 153 1.98 -23.16 8.13
C GLY B 153 1.98 -23.60 6.68
N GLY B 154 2.64 -22.80 5.85
CA GLY B 154 2.69 -23.06 4.43
C GLY B 154 3.82 -22.31 3.75
N LYS B 155 3.60 -21.96 2.49
CA LYS B 155 4.62 -21.34 1.65
C LYS B 155 4.47 -19.83 1.62
N ILE B 156 5.58 -19.14 1.31
CA ILE B 156 5.68 -17.68 1.35
C ILE B 156 6.13 -17.17 -0.01
N ILE B 157 5.60 -16.02 -0.41
CA ILE B 157 6.13 -15.28 -1.55
C ILE B 157 6.78 -14.00 -1.02
N PHE B 158 8.01 -13.75 -1.45
CA PHE B 158 8.74 -12.54 -1.07
C PHE B 158 8.98 -11.72 -2.33
N ILE B 159 8.34 -10.57 -2.42
CA ILE B 159 8.58 -9.61 -3.49
C ILE B 159 9.52 -8.55 -2.92
N ASP B 160 10.81 -8.70 -3.19
CA ASP B 160 11.82 -7.73 -2.81
C ASP B 160 11.85 -6.58 -3.79
N THR B 161 12.16 -5.40 -3.28
CA THR B 161 12.37 -4.27 -4.19
C THR B 161 13.63 -3.45 -3.91
N GLU B 162 14.20 -3.47 -2.71
CA GLU B 162 15.39 -2.66 -2.54
C GLU B 162 16.63 -3.42 -2.99
N ASN B 163 17.19 -4.28 -2.12
CA ASN B 163 18.06 -5.39 -2.52
C ASN B 163 18.09 -6.49 -1.47
N THR B 164 17.37 -6.30 -0.37
CA THR B 164 17.71 -6.96 0.89
C THR B 164 16.99 -8.28 1.03
N PHE B 165 17.56 -9.32 0.42
CA PHE B 165 17.09 -10.69 0.62
C PHE B 165 18.31 -11.59 0.81
N ARG B 166 19.16 -11.26 1.76
CA ARG B 166 20.26 -12.15 2.14
C ARG B 166 19.68 -13.45 2.69
N PRO B 167 19.86 -14.58 1.99
CA PRO B 167 19.16 -15.80 2.39
C PRO B 167 19.81 -16.50 3.58
N ASP B 168 21.10 -16.25 3.81
CA ASP B 168 21.81 -16.90 4.90
C ASP B 168 21.37 -16.36 6.26
N ARG B 169 20.69 -15.22 6.29
CA ARG B 169 20.07 -14.74 7.51
C ARG B 169 18.89 -15.59 7.95
N LEU B 170 18.29 -16.34 7.03
CA LEU B 170 17.26 -17.28 7.43
C LEU B 170 17.85 -18.46 8.19
N ARG B 171 19.10 -18.81 7.89
CA ARG B 171 19.69 -20.01 8.47
C ARG B 171 20.05 -19.82 9.93
N ASP B 172 20.23 -18.58 10.37
CA ASP B 172 20.47 -18.35 11.79
C ASP B 172 19.17 -18.46 12.58
N ILE B 173 18.07 -17.93 12.04
CA ILE B 173 16.79 -17.99 12.71
C ILE B 173 16.19 -19.40 12.66
N ALA B 174 16.58 -20.20 11.68
CA ALA B 174 16.16 -21.60 11.63
C ALA B 174 16.72 -22.41 12.79
N ASP B 175 17.85 -21.98 13.36
CA ASP B 175 18.44 -22.72 14.47
C ASP B 175 17.68 -22.48 15.77
N ARG B 176 17.29 -21.23 16.03
CA ARG B 176 16.64 -20.89 17.29
C ARG B 176 15.20 -21.36 17.37
N PHE B 177 14.63 -21.82 16.26
CA PHE B 177 13.37 -22.55 16.27
C PHE B 177 13.56 -24.04 16.06
N ASN B 178 14.82 -24.49 15.91
CA ASN B 178 15.20 -25.91 15.82
C ASN B 178 14.56 -26.59 14.61
N VAL B 179 14.75 -25.99 13.43
CA VAL B 179 14.22 -26.51 12.19
C VAL B 179 15.41 -26.87 11.29
N ASP B 180 15.19 -27.80 10.36
CA ASP B 180 16.20 -28.14 9.36
C ASP B 180 16.46 -26.94 8.45
N HIS B 181 17.67 -26.91 7.88
CA HIS B 181 18.07 -25.76 7.06
C HIS B 181 17.41 -25.81 5.68
N ASP B 182 17.66 -26.88 4.92
CA ASP B 182 17.22 -26.94 3.53
C ASP B 182 15.77 -27.38 3.39
N ALA B 183 15.08 -27.65 4.50
CA ALA B 183 13.67 -27.94 4.42
C ALA B 183 12.85 -26.66 4.32
N VAL B 184 13.45 -25.52 4.69
CA VAL B 184 12.74 -24.25 4.70
C VAL B 184 13.24 -23.30 3.62
N LEU B 185 14.34 -23.61 2.93
CA LEU B 185 14.83 -22.72 1.89
C LEU B 185 14.14 -22.95 0.55
N ASP B 186 13.16 -23.84 0.48
CA ASP B 186 12.43 -24.03 -0.77
C ASP B 186 11.00 -23.50 -0.70
N ASN B 187 10.47 -23.31 0.50
CA ASN B 187 9.08 -22.91 0.68
C ASN B 187 8.91 -21.39 0.68
N VAL B 188 9.92 -20.66 0.24
CA VAL B 188 9.80 -19.22 0.04
C VAL B 188 10.16 -18.91 -1.41
N LEU B 189 9.33 -18.11 -2.05
CA LEU B 189 9.52 -17.75 -3.45
C LEU B 189 9.97 -16.30 -3.54
N TYR B 190 10.90 -16.04 -4.45
CA TYR B 190 11.60 -14.76 -4.48
C TYR B 190 11.59 -14.19 -5.88
N ALA B 191 11.38 -12.88 -5.96
CA ALA B 191 11.45 -12.15 -7.23
C ALA B 191 11.69 -10.69 -6.89
N ARG B 192 12.56 -10.04 -7.66
CA ARG B 192 12.85 -8.63 -7.44
C ARG B 192 12.24 -7.81 -8.57
N ALA B 193 11.42 -6.83 -8.21
CA ALA B 193 10.95 -5.85 -9.18
C ALA B 193 12.01 -4.78 -9.38
N TYR B 194 12.05 -4.25 -10.60
CA TYR B 194 13.08 -3.29 -10.96
C TYR B 194 12.47 -1.92 -11.27
N THR B 195 11.16 -1.88 -11.46
CA THR B 195 10.47 -0.69 -11.93
C THR B 195 9.08 -0.72 -11.32
N SER B 196 8.51 0.47 -11.06
CA SER B 196 7.19 0.57 -10.45
C SER B 196 6.09 -0.05 -11.30
N GLU B 197 6.25 -0.08 -12.63
CA GLU B 197 5.29 -0.82 -13.43
C GLU B 197 5.57 -2.30 -13.39
N HIS B 198 6.83 -2.69 -13.21
CA HIS B 198 7.17 -4.11 -13.10
C HIS B 198 6.65 -4.70 -11.81
N GLN B 199 6.56 -3.88 -10.76
CA GLN B 199 5.98 -4.33 -9.50
C GLN B 199 4.50 -4.60 -9.64
N MET B 200 3.80 -3.84 -10.49
CA MET B 200 2.37 -4.03 -10.66
C MET B 200 2.05 -5.30 -11.44
N GLU B 201 2.74 -5.51 -12.57
CA GLU B 201 2.47 -6.69 -13.40
C GLU B 201 2.91 -7.98 -12.75
N LEU B 202 3.79 -7.92 -11.75
CA LEU B 202 4.23 -9.12 -11.07
C LEU B 202 3.21 -9.64 -10.08
N LEU B 203 2.16 -8.86 -9.80
CA LEU B 203 1.05 -9.35 -9.02
C LEU B 203 0.20 -10.34 -9.80
N ASP B 204 0.27 -10.31 -11.14
CA ASP B 204 -0.49 -11.26 -11.93
C ASP B 204 0.10 -12.65 -11.84
N TYR B 205 1.41 -12.75 -11.63
CA TYR B 205 2.02 -14.05 -11.40
C TYR B 205 1.65 -14.60 -10.04
N VAL B 206 1.36 -13.72 -9.09
CA VAL B 206 0.93 -14.16 -7.76
C VAL B 206 -0.44 -14.82 -7.84
N ALA B 207 -1.33 -14.26 -8.66
CA ALA B 207 -2.66 -14.84 -8.83
C ALA B 207 -2.60 -16.20 -9.51
N ALA B 208 -1.68 -16.38 -10.46
CA ALA B 208 -1.52 -17.68 -11.10
C ALA B 208 -0.90 -18.69 -10.13
N LYS B 209 0.02 -18.22 -9.28
CA LYS B 209 0.68 -19.12 -8.35
C LYS B 209 -0.23 -19.52 -7.20
N PHE B 210 -1.13 -18.65 -6.77
CA PHE B 210 -1.98 -18.98 -5.64
C PHE B 210 -3.10 -19.92 -6.03
N HIS B 211 -3.61 -19.79 -7.26
CA HIS B 211 -4.87 -20.43 -7.62
C HIS B 211 -4.71 -21.94 -7.82
N GLU B 212 -3.62 -22.37 -8.44
CA GLU B 212 -3.45 -23.78 -8.75
C GLU B 212 -3.10 -24.64 -7.55
N GLU B 213 -2.72 -24.04 -6.42
CA GLU B 213 -2.49 -24.79 -5.18
C GLU B 213 -3.24 -24.09 -4.06
N ALA B 214 -4.47 -24.54 -3.80
CA ALA B 214 -5.31 -23.90 -2.80
C ALA B 214 -4.90 -24.38 -1.41
N GLY B 215 -4.34 -23.48 -0.62
CA GLY B 215 -4.07 -23.74 0.78
C GLY B 215 -2.63 -24.03 1.14
N ILE B 216 -1.72 -24.11 0.17
CA ILE B 216 -0.32 -24.36 0.49
C ILE B 216 0.45 -23.05 0.69
N PHE B 217 -0.12 -21.93 0.30
CA PHE B 217 0.47 -20.63 0.56
C PHE B 217 -0.25 -19.95 1.71
N LYS B 218 0.49 -19.18 2.50
CA LYS B 218 -0.09 -18.56 3.67
C LYS B 218 0.00 -17.04 3.66
N LEU B 219 1.14 -16.47 3.24
CA LEU B 219 1.24 -15.02 3.26
C LEU B 219 2.19 -14.53 2.17
N LEU B 220 2.18 -13.22 1.98
CA LEU B 220 2.93 -12.53 0.94
C LEU B 220 3.61 -11.32 1.56
N ILE B 221 4.85 -11.05 1.16
CA ILE B 221 5.59 -9.89 1.63
C ILE B 221 6.02 -9.07 0.43
N ILE B 222 5.56 -7.85 0.35
CA ILE B 222 6.19 -6.83 -0.46
C ILE B 222 7.15 -6.09 0.45
N ASP B 223 8.38 -5.82 -0.03
CA ASP B 223 9.38 -5.21 0.83
C ASP B 223 9.02 -3.75 1.11
N SER B 224 8.99 -2.92 0.08
CA SER B 224 8.67 -1.52 0.29
C SER B 224 8.00 -0.99 -0.96
N ILE B 225 6.67 -0.85 -0.89
CA ILE B 225 5.87 -0.38 -2.01
C ILE B 225 6.28 1.01 -2.47
N MET B 226 6.68 1.87 -1.55
CA MET B 226 7.03 3.25 -1.90
C MET B 226 8.50 3.42 -2.22
N ALA B 227 9.26 2.33 -2.31
CA ALA B 227 10.68 2.47 -2.63
C ALA B 227 10.92 2.79 -4.09
N LEU B 228 10.00 2.44 -4.97
CA LEU B 228 10.13 2.73 -6.39
C LEU B 228 9.20 3.83 -6.87
N PHE B 229 8.08 4.04 -6.19
CA PHE B 229 7.15 5.09 -6.60
C PHE B 229 7.72 6.47 -6.33
N ARG B 230 8.52 6.63 -5.28
CA ARG B 230 9.10 7.93 -4.99
C ARG B 230 10.26 8.28 -5.90
N VAL B 231 10.81 7.30 -6.61
CA VAL B 231 11.94 7.51 -7.50
C VAL B 231 11.48 7.73 -8.93
N ASP B 232 10.59 6.89 -9.43
CA ASP B 232 10.17 6.94 -10.82
C ASP B 232 9.29 8.13 -11.13
N PHE B 233 8.77 8.80 -10.10
CA PHE B 233 7.92 9.97 -10.29
C PHE B 233 8.53 11.17 -9.59
N SER B 234 8.43 12.33 -10.24
CA SER B 234 8.98 13.59 -9.76
C SER B 234 8.07 14.22 -8.71
N GLY B 235 8.24 15.52 -8.48
CA GLY B 235 7.49 16.20 -7.44
C GLY B 235 6.09 16.57 -7.87
N ARG B 236 5.74 17.86 -7.79
CA ARG B 236 4.35 18.28 -7.94
C ARG B 236 3.80 18.10 -9.35
N GLY B 237 4.64 17.89 -10.33
CA GLY B 237 4.16 17.61 -11.67
C GLY B 237 3.50 16.24 -11.76
N GLU B 238 4.26 15.19 -11.46
CA GLU B 238 3.79 13.82 -11.57
C GLU B 238 3.25 13.28 -10.26
N LEU B 239 2.72 14.13 -9.39
CA LEU B 239 2.25 13.64 -8.10
C LEU B 239 0.92 12.92 -8.24
N ALA B 240 -0.04 13.51 -8.94
CA ALA B 240 -1.35 12.87 -9.11
C ALA B 240 -1.26 11.66 -10.01
N GLU B 241 -0.31 11.65 -10.94
CA GLU B 241 -0.05 10.47 -11.75
C GLU B 241 0.45 9.32 -10.91
N ARG B 242 1.27 9.62 -9.90
CA ARG B 242 1.84 8.59 -9.04
C ARG B 242 0.82 8.06 -8.04
N GLN B 243 0.03 8.96 -7.45
CA GLN B 243 -0.93 8.54 -6.44
C GLN B 243 -2.09 7.77 -7.05
N GLN B 244 -2.39 8.01 -8.32
CA GLN B 244 -3.44 7.22 -8.96
C GLN B 244 -2.95 5.82 -9.29
N LYS B 245 -1.69 5.67 -9.67
CA LYS B 245 -1.16 4.34 -9.95
C LYS B 245 -0.93 3.55 -8.68
N LEU B 246 -0.76 4.24 -7.54
CA LEU B 246 -0.60 3.54 -6.28
C LEU B 246 -1.91 2.95 -5.82
N ALA B 247 -3.02 3.65 -6.08
CA ALA B 247 -4.32 3.18 -5.62
C ALA B 247 -4.77 1.93 -6.34
N GLN B 248 -4.30 1.72 -7.58
CA GLN B 248 -4.60 0.48 -8.26
C GLN B 248 -3.84 -0.69 -7.66
N MET B 249 -2.66 -0.43 -7.10
CA MET B 249 -1.88 -1.51 -6.51
C MET B 249 -2.46 -1.96 -5.18
N LEU B 250 -2.83 -1.03 -4.30
CA LEU B 250 -3.35 -1.41 -2.99
C LEU B 250 -4.73 -2.03 -3.09
N SER B 251 -5.51 -1.66 -4.10
CA SER B 251 -6.81 -2.27 -4.27
C SER B 251 -6.69 -3.68 -4.82
N ARG B 252 -5.68 -3.94 -5.65
CA ARG B 252 -5.44 -5.28 -6.15
C ARG B 252 -4.97 -6.21 -5.03
N LEU B 253 -4.16 -5.68 -4.12
CA LEU B 253 -3.70 -6.48 -2.98
C LEU B 253 -4.84 -6.79 -2.01
N GLN B 254 -5.79 -5.87 -1.89
CA GLN B 254 -6.95 -6.14 -1.04
C GLN B 254 -7.84 -7.22 -1.63
N LYS B 255 -7.92 -7.28 -2.96
CA LYS B 255 -8.73 -8.30 -3.61
C LYS B 255 -8.12 -9.68 -3.47
N ILE B 256 -6.79 -9.77 -3.53
CA ILE B 256 -6.11 -11.06 -3.44
C ILE B 256 -6.26 -11.64 -2.03
N SER B 257 -6.19 -10.78 -1.02
CA SER B 257 -6.30 -11.23 0.37
C SER B 257 -7.68 -11.73 0.74
N GLU B 258 -8.70 -11.44 -0.07
CA GLU B 258 -10.00 -12.08 0.09
C GLU B 258 -10.19 -13.25 -0.85
N GLU B 259 -9.51 -13.23 -2.00
CA GLU B 259 -9.69 -14.26 -3.01
C GLU B 259 -9.09 -15.59 -2.56
N TYR B 260 -8.00 -15.53 -1.80
CA TYR B 260 -7.28 -16.74 -1.43
C TYR B 260 -7.05 -16.86 0.07
N ASN B 261 -7.48 -15.88 0.86
CA ASN B 261 -7.35 -15.84 2.33
C ASN B 261 -5.88 -15.96 2.75
N VAL B 262 -5.10 -14.96 2.37
CA VAL B 262 -3.69 -14.88 2.72
C VAL B 262 -3.43 -13.52 3.38
N ALA B 263 -2.31 -13.46 4.11
CA ALA B 263 -1.89 -12.24 4.77
C ALA B 263 -0.89 -11.49 3.89
N VAL B 264 -0.81 -10.18 4.09
CA VAL B 264 0.14 -9.35 3.38
C VAL B 264 0.85 -8.45 4.39
N PHE B 265 2.14 -8.27 4.20
CA PHE B 265 2.96 -7.46 5.09
C PHE B 265 3.78 -6.49 4.24
N VAL B 266 3.58 -5.20 4.46
CA VAL B 266 4.23 -4.17 3.65
C VAL B 266 4.95 -3.19 4.57
N THR B 267 6.09 -2.70 4.10
CA THR B 267 6.84 -1.67 4.81
C THR B 267 6.98 -0.45 3.92
N ASN B 268 7.41 0.67 4.51
CA ASN B 268 7.71 1.87 3.74
C ASN B 268 8.67 2.75 4.52
N GLN B 269 9.26 3.71 3.83
CA GLN B 269 10.26 4.63 4.37
C GLN B 269 9.59 5.76 5.13
N MET B 270 10.34 6.81 5.44
CA MET B 270 9.81 7.97 6.15
C MET B 270 10.38 9.25 5.55
N THR B 271 9.79 10.38 5.93
CA THR B 271 10.25 11.68 5.48
C THR B 271 10.11 12.70 6.62
N ALA B 272 10.80 13.82 6.46
CA ALA B 272 10.86 14.84 7.49
C ALA B 272 9.75 15.86 7.27
N ASP B 273 9.82 16.98 7.99
CA ASP B 273 8.79 18.00 7.95
C ASP B 273 9.41 19.33 8.39
N PRO B 274 9.89 20.16 7.47
CA PRO B 274 10.39 21.47 7.86
C PRO B 274 9.31 22.54 8.03
N GLY B 275 8.05 22.13 8.12
CA GLY B 275 6.98 23.06 8.33
C GLY B 275 6.61 23.20 9.79
N ALA B 276 7.21 22.37 10.63
CA ALA B 276 6.95 22.40 12.07
C ALA B 276 7.81 23.45 12.76
N PRO B 284 8.11 15.23 14.18
CA PRO B 284 8.42 15.92 12.92
C PRO B 284 8.75 14.96 11.79
N LYS B 285 8.31 13.71 11.92
CA LYS B 285 8.52 12.70 10.88
C LYS B 285 7.18 12.11 10.49
N LYS B 286 7.00 11.89 9.19
CA LYS B 286 5.78 11.31 8.70
C LYS B 286 6.12 10.18 7.74
N PRO B 287 5.33 9.12 7.70
CA PRO B 287 5.55 8.08 6.71
C PRO B 287 5.02 8.52 5.36
N ILE B 288 5.76 8.19 4.31
CA ILE B 288 5.40 8.64 2.98
C ILE B 288 4.27 7.76 2.45
N GLY B 289 3.58 8.26 1.45
CA GLY B 289 2.43 7.58 0.90
C GLY B 289 1.21 8.47 0.83
N GLY B 290 1.12 9.42 1.74
CA GLY B 290 0.00 10.33 1.73
C GLY B 290 -1.25 9.69 2.30
N HIS B 291 -2.39 10.30 1.95
CA HIS B 291 -3.67 9.84 2.48
C HIS B 291 -4.14 8.55 1.83
N ILE B 292 -3.65 8.23 0.64
CA ILE B 292 -4.07 7.03 -0.06
C ILE B 292 -3.59 5.78 0.68
N LEU B 293 -2.32 5.77 1.05
CA LEU B 293 -1.75 4.63 1.75
C LEU B 293 -2.25 4.53 3.18
N ALA B 294 -2.49 5.66 3.84
CA ALA B 294 -2.91 5.61 5.24
C ALA B 294 -4.34 5.10 5.38
N HIS B 295 -5.19 5.37 4.40
CA HIS B 295 -6.56 4.88 4.48
C HIS B 295 -6.64 3.39 4.18
N ALA B 296 -5.94 2.94 3.16
CA ALA B 296 -6.07 1.57 2.68
C ALA B 296 -5.37 0.53 3.55
N SER B 297 -4.52 0.95 4.48
CA SER B 297 -3.87 0.02 5.38
C SER B 297 -4.76 -0.26 6.57
N THR B 298 -4.75 -1.51 7.03
CA THR B 298 -5.60 -1.86 8.16
C THR B 298 -4.93 -1.60 9.49
N THR B 299 -3.68 -2.04 9.66
CA THR B 299 -2.92 -1.76 10.88
C THR B 299 -1.56 -1.21 10.49
N ARG B 300 -1.12 -0.16 11.17
CA ARG B 300 0.22 0.39 10.97
C ARG B 300 0.98 0.30 12.28
N ILE B 301 2.22 -0.17 12.22
CA ILE B 301 3.04 -0.36 13.40
C ILE B 301 4.23 0.57 13.30
N SER B 302 4.26 1.60 14.14
CA SER B 302 5.42 2.47 14.20
C SER B 302 6.56 1.78 14.94
N LEU B 303 7.79 2.05 14.50
CA LEU B 303 8.97 1.43 15.07
C LEU B 303 10.01 2.51 15.33
N ARG B 304 10.49 2.60 16.57
CA ARG B 304 11.55 3.55 16.90
C ARG B 304 12.59 2.87 17.78
N LYS B 305 13.78 3.47 17.82
CA LYS B 305 14.91 2.86 18.50
C LYS B 305 14.89 3.14 20.00
N GLY B 306 15.34 2.16 20.77
CA GLY B 306 15.44 2.30 22.21
C GLY B 306 16.86 2.46 22.68
N ARG B 307 17.44 1.39 23.22
CA ARG B 307 18.80 1.42 23.76
C ARG B 307 19.56 0.20 23.28
N GLY B 308 20.62 0.40 22.52
CA GLY B 308 21.45 -0.69 22.08
C GLY B 308 20.79 -1.57 21.05
N GLU B 309 20.41 -2.78 21.47
CA GLU B 309 19.72 -3.74 20.61
C GLU B 309 18.24 -3.82 20.93
N LEU B 310 17.68 -2.78 21.53
CA LEU B 310 16.28 -2.73 21.88
C LEU B 310 15.55 -1.71 21.01
N ARG B 311 14.35 -2.07 20.58
CA ARG B 311 13.51 -1.19 19.78
C ARG B 311 12.13 -1.10 20.40
N ILE B 312 11.51 0.07 20.28
CA ILE B 312 10.17 0.32 20.78
C ILE B 312 9.21 0.28 19.60
N ALA B 313 8.04 -0.33 19.81
CA ALA B 313 7.04 -0.50 18.76
C ALA B 313 5.69 0.00 19.25
N LYS B 314 5.23 1.13 18.72
CA LYS B 314 3.90 1.63 19.00
C LYS B 314 2.94 1.04 17.99
N ILE B 315 1.71 1.55 17.92
CA ILE B 315 0.72 1.05 16.98
C ILE B 315 -0.15 2.22 16.53
N TYR B 316 -0.31 2.37 15.21
CA TYR B 316 -1.07 3.45 14.60
C TYR B 316 -2.22 2.87 13.81
N ASP B 317 -3.44 3.39 14.05
CA ASP B 317 -4.63 3.06 13.27
C ASP B 317 -4.93 1.56 13.27
N SER B 318 -5.29 1.06 14.41
CA SER B 318 -5.69 -0.33 14.33
C SER B 318 -7.18 -0.48 14.59
N PRO B 319 -7.85 -1.42 13.92
CA PRO B 319 -9.26 -1.69 14.24
C PRO B 319 -9.46 -2.43 15.55
N GLU B 320 -8.40 -2.96 16.19
CA GLU B 320 -8.53 -3.44 17.56
C GLU B 320 -7.70 -2.60 18.55
N MET B 321 -6.44 -2.75 18.51
CA MET B 321 -5.69 -2.58 19.72
C MET B 321 -5.32 -1.11 19.92
N PRO B 322 -5.52 -0.56 21.11
CA PRO B 322 -5.25 0.87 21.33
C PRO B 322 -3.76 1.12 21.42
N GLU B 323 -3.42 2.40 21.52
CA GLU B 323 -2.04 2.83 21.38
C GLU B 323 -1.20 2.45 22.59
N ASN B 324 -0.66 1.24 22.59
CA ASN B 324 0.24 0.75 23.63
C ASN B 324 1.59 0.43 23.00
N GLU B 325 2.59 0.22 23.84
CA GLU B 325 3.95 0.03 23.37
C GLU B 325 4.47 -1.32 23.80
N ALA B 326 5.58 -1.73 23.21
CA ALA B 326 6.24 -2.98 23.55
C ALA B 326 7.74 -2.76 23.41
N THR B 327 8.51 -3.85 23.38
CA THR B 327 9.96 -3.72 23.28
C THR B 327 10.51 -4.96 22.59
N PHE B 328 11.18 -4.78 21.46
CA PHE B 328 11.81 -5.88 20.75
C PHE B 328 13.12 -6.25 21.39
N ALA B 329 13.83 -7.13 20.68
CA ALA B 329 15.28 -7.25 20.76
C ALA B 329 15.69 -7.89 19.44
N ILE B 330 16.31 -7.13 18.57
CA ILE B 330 16.90 -7.72 17.38
C ILE B 330 18.18 -8.38 17.86
N THR B 331 18.33 -9.66 17.54
CA THR B 331 19.32 -10.51 18.17
C THR B 331 20.32 -10.99 17.12
N ALA B 332 21.06 -12.01 17.50
CA ALA B 332 21.44 -13.03 16.53
C ALA B 332 20.23 -13.92 16.33
N GLY B 333 19.43 -13.64 15.30
CA GLY B 333 18.25 -14.45 15.08
C GLY B 333 16.92 -13.70 15.05
N GLY B 334 16.94 -12.42 14.68
CA GLY B 334 15.68 -11.72 14.48
C GLY B 334 15.09 -11.23 15.78
N ILE B 335 13.77 -11.30 15.88
CA ILE B 335 13.06 -10.69 16.99
C ILE B 335 13.06 -11.62 18.18
N GLY B 336 13.42 -11.08 19.35
CA GLY B 336 13.42 -11.81 20.60
C GLY B 336 12.71 -11.01 21.67
N ASP B 337 13.36 -10.92 22.83
CA ASP B 337 12.82 -10.15 23.95
C ASP B 337 13.92 -9.49 24.77
N GLN C 22 23.62 -10.69 -23.87
CA GLN C 22 23.79 -9.52 -23.01
C GLN C 22 23.59 -8.23 -23.79
N ASP C 23 24.39 -8.04 -24.84
CA ASP C 23 24.26 -6.86 -25.69
C ASP C 23 22.94 -6.90 -26.45
N ILE C 24 22.40 -5.72 -26.77
CA ILE C 24 21.08 -5.63 -27.38
C ILE C 24 21.28 -5.74 -28.89
N ASP C 25 21.59 -6.97 -29.32
CA ASP C 25 21.36 -7.42 -30.69
C ASP C 25 20.59 -8.73 -30.69
N LEU C 26 20.19 -9.24 -29.53
CA LEU C 26 19.41 -10.46 -29.45
C LEU C 26 17.92 -10.23 -29.69
N LEU C 27 17.51 -8.99 -29.95
CA LEU C 27 16.12 -8.65 -30.15
C LEU C 27 15.73 -8.57 -31.62
N GLN C 28 16.70 -8.34 -32.51
CA GLN C 28 16.41 -8.14 -33.93
C GLN C 28 15.93 -9.41 -34.62
N LYS C 29 16.16 -10.58 -34.02
CA LYS C 29 15.63 -11.84 -34.49
C LYS C 29 14.20 -12.09 -34.04
N HIS C 30 13.55 -11.08 -33.45
CA HIS C 30 12.18 -11.20 -32.97
C HIS C 30 11.27 -10.11 -33.52
N GLY C 31 11.67 -9.45 -34.61
CA GLY C 31 10.85 -8.45 -35.26
C GLY C 31 11.37 -7.04 -35.17
N ILE C 32 12.40 -6.79 -34.37
CA ILE C 32 12.92 -5.44 -34.17
C ILE C 32 13.79 -5.06 -35.37
N ASN C 33 13.46 -3.96 -36.02
CA ASN C 33 14.28 -3.46 -37.11
C ASN C 33 15.50 -2.71 -36.58
N VAL C 34 16.56 -2.69 -37.39
CA VAL C 34 17.85 -2.13 -36.97
C VAL C 34 17.91 -0.62 -37.07
N ALA C 35 16.82 0.05 -37.49
CA ALA C 35 16.83 1.49 -37.66
C ALA C 35 16.72 2.24 -36.34
N ASP C 36 16.10 1.64 -35.32
CA ASP C 36 15.93 2.30 -34.04
C ASP C 36 16.58 1.57 -32.88
N ILE C 37 17.27 0.46 -33.12
CA ILE C 37 17.95 -0.19 -32.01
C ILE C 37 19.30 0.48 -31.74
N LYS C 38 19.87 1.13 -32.76
CA LYS C 38 20.96 2.07 -32.54
C LYS C 38 20.49 3.38 -31.94
N LYS C 39 19.18 3.64 -31.96
CA LYS C 39 18.69 4.88 -31.37
C LYS C 39 18.71 4.81 -29.85
N LEU C 40 18.30 3.68 -29.28
CA LEU C 40 18.33 3.54 -27.82
C LEU C 40 19.75 3.41 -27.29
N LYS C 41 20.70 3.02 -28.15
CA LYS C 41 22.12 3.14 -27.85
C LYS C 41 22.55 4.59 -27.63
N SER C 42 21.98 5.54 -28.39
CA SER C 42 22.31 6.94 -28.23
C SER C 42 21.80 7.55 -26.94
N VAL C 43 20.85 6.89 -26.27
CA VAL C 43 20.48 7.31 -24.92
C VAL C 43 21.49 6.77 -23.92
N GLY C 44 21.92 5.53 -24.10
CA GLY C 44 22.89 4.93 -23.21
C GLY C 44 22.63 3.47 -22.91
N ILE C 45 21.48 2.96 -23.37
CA ILE C 45 21.10 1.58 -23.10
C ILE C 45 21.98 0.65 -23.91
N CYS C 46 22.65 -0.29 -23.23
CA CYS C 46 23.60 -1.18 -23.88
C CYS C 46 23.39 -2.65 -23.56
N THR C 47 22.47 -3.01 -22.67
CA THR C 47 22.35 -4.38 -22.21
C THR C 47 20.91 -4.85 -22.21
N ILE C 48 20.75 -6.16 -22.07
CA ILE C 48 19.43 -6.79 -22.10
C ILE C 48 18.66 -6.50 -20.82
N LYS C 49 19.35 -6.10 -19.75
CA LYS C 49 18.69 -5.63 -18.55
C LYS C 49 18.41 -4.14 -18.58
N GLY C 50 18.88 -3.43 -19.61
CA GLY C 50 18.61 -2.01 -19.70
C GLY C 50 17.14 -1.72 -19.96
N ILE C 51 16.49 -2.59 -20.74
CA ILE C 51 15.05 -2.50 -20.93
C ILE C 51 14.29 -3.07 -19.75
N GLN C 52 14.96 -3.86 -18.89
CA GLN C 52 14.34 -4.32 -17.67
C GLN C 52 14.32 -3.23 -16.61
N MET C 53 15.22 -2.25 -16.72
CA MET C 53 15.41 -1.21 -15.72
C MET C 53 14.98 0.17 -16.23
N THR C 54 13.91 0.23 -17.00
CA THR C 54 13.39 1.48 -17.52
C THR C 54 11.89 1.55 -17.36
N THR C 55 11.39 2.74 -17.05
CA THR C 55 9.95 2.94 -17.03
C THR C 55 9.43 2.96 -18.46
N ARG C 56 8.12 2.73 -18.61
CA ARG C 56 7.57 2.75 -19.96
C ARG C 56 7.27 4.16 -20.42
N ARG C 57 7.34 5.14 -19.52
CA ARG C 57 7.14 6.53 -19.90
C ARG C 57 8.46 7.24 -20.18
N ALA C 58 9.59 6.67 -19.75
CA ALA C 58 10.88 7.20 -20.19
C ALA C 58 11.12 6.96 -21.67
N LEU C 59 10.52 5.90 -22.23
CA LEU C 59 10.51 5.65 -23.66
C LEU C 59 9.35 6.34 -24.37
N CYS C 60 8.74 7.32 -23.72
CA CYS C 60 7.84 8.28 -24.35
C CYS C 60 8.48 9.63 -24.56
N ASN C 61 9.66 9.87 -23.98
CA ASN C 61 10.27 11.19 -23.90
C ASN C 61 11.30 11.44 -24.99
N VAL C 62 11.76 10.39 -25.66
CA VAL C 62 12.91 10.49 -26.55
C VAL C 62 12.43 10.79 -27.97
N LYS C 63 13.27 11.47 -28.75
CA LYS C 63 12.88 12.04 -30.03
C LYS C 63 12.76 10.92 -31.06
N GLY C 64 11.53 10.59 -31.45
CA GLY C 64 11.31 9.68 -32.56
C GLY C 64 10.85 8.28 -32.22
N LEU C 65 10.37 8.03 -31.00
CA LEU C 65 9.79 6.75 -30.64
C LEU C 65 8.37 7.03 -30.14
N SER C 66 7.40 6.37 -30.76
CA SER C 66 6.01 6.67 -30.51
C SER C 66 5.50 5.87 -29.32
N GLU C 67 4.31 6.23 -28.84
CA GLU C 67 3.71 5.58 -27.69
C GLU C 67 3.11 4.23 -28.02
N ALA C 68 2.94 3.90 -29.30
CA ALA C 68 2.26 2.68 -29.71
C ALA C 68 3.16 1.67 -30.40
N LYS C 69 4.49 1.81 -30.27
CA LYS C 69 5.40 0.82 -30.83
C LYS C 69 6.33 0.20 -29.80
N VAL C 70 6.28 0.66 -28.55
CA VAL C 70 7.24 0.25 -27.54
C VAL C 70 7.02 -1.18 -27.07
N ASP C 71 5.86 -1.77 -27.36
CA ASP C 71 5.52 -3.08 -26.84
C ASP C 71 6.33 -4.21 -27.49
N LYS C 72 6.83 -3.99 -28.71
CA LYS C 72 7.60 -5.02 -29.38
C LYS C 72 9.00 -5.20 -28.78
N ILE C 73 9.53 -4.19 -28.09
CA ILE C 73 10.75 -4.41 -27.33
C ILE C 73 10.45 -5.23 -26.08
N LYS C 74 9.29 -4.98 -25.45
CA LYS C 74 8.86 -5.78 -24.32
C LYS C 74 8.35 -7.15 -24.74
N GLU C 75 8.11 -7.36 -26.05
CA GLU C 75 7.84 -8.70 -26.55
C GLU C 75 9.06 -9.60 -26.40
N ALA C 76 10.24 -9.09 -26.71
CA ALA C 76 11.48 -9.85 -26.58
C ALA C 76 12.10 -9.72 -25.19
N ALA C 77 11.41 -9.11 -24.24
CA ALA C 77 11.93 -9.00 -22.88
C ALA C 77 11.61 -10.22 -22.04
N ASN C 78 10.36 -10.69 -22.07
CA ASN C 78 9.98 -11.81 -21.22
C ASN C 78 10.43 -13.15 -21.81
N LYS C 79 10.48 -13.25 -23.14
CA LYS C 79 10.96 -14.49 -23.75
C LYS C 79 12.47 -14.56 -23.81
N LEU C 80 13.17 -13.51 -23.38
CA LEU C 80 14.63 -13.60 -23.20
C LEU C 80 15.07 -13.53 -21.75
N ILE C 81 14.43 -12.73 -20.91
CA ILE C 81 14.66 -12.71 -19.47
C ILE C 81 13.31 -13.02 -18.85
N GLU C 82 13.11 -14.26 -18.39
CA GLU C 82 11.77 -14.67 -18.00
C GLU C 82 11.57 -14.35 -16.52
N PRO C 83 10.62 -13.50 -16.18
CA PRO C 83 10.43 -13.09 -14.77
C PRO C 83 9.45 -13.99 -14.03
N GLY C 84 9.84 -15.23 -13.82
CA GLY C 84 9.00 -16.16 -13.10
C GLY C 84 9.14 -15.99 -11.60
N PHE C 85 9.38 -17.09 -10.90
CA PHE C 85 9.58 -17.04 -9.46
C PHE C 85 10.71 -17.99 -9.11
N LEU C 86 11.91 -17.44 -8.95
CA LEU C 86 13.05 -18.24 -8.53
C LEU C 86 12.89 -18.64 -7.08
N THR C 87 13.20 -19.90 -6.79
CA THR C 87 13.22 -20.31 -5.40
C THR C 87 14.51 -19.82 -4.75
N ALA C 88 14.45 -19.65 -3.43
CA ALA C 88 15.61 -19.10 -2.72
C ALA C 88 16.75 -20.09 -2.60
N PHE C 89 16.46 -21.40 -2.72
CA PHE C 89 17.52 -22.38 -2.81
C PHE C 89 18.36 -22.15 -4.06
N GLU C 90 17.70 -21.89 -5.19
CA GLU C 90 18.41 -21.53 -6.41
C GLU C 90 19.06 -20.17 -6.26
N TYR C 91 18.39 -19.24 -5.58
CA TYR C 91 18.96 -17.92 -5.36
C TYR C 91 20.15 -17.95 -4.41
N SER C 92 20.24 -18.98 -3.58
CA SER C 92 21.45 -19.17 -2.76
C SER C 92 22.66 -19.48 -3.64
N GLU C 93 22.49 -20.32 -4.65
CA GLU C 93 23.57 -20.57 -5.59
C GLU C 93 23.67 -19.50 -6.67
N LYS C 94 22.63 -18.67 -6.83
CA LYS C 94 22.71 -17.57 -7.77
C LYS C 94 23.63 -16.47 -7.26
N ARG C 95 23.62 -16.23 -5.95
CA ARG C 95 24.37 -15.16 -5.33
C ARG C 95 25.82 -15.50 -5.08
N LYS C 96 26.33 -16.62 -5.61
CA LYS C 96 27.72 -16.97 -5.41
C LYS C 96 28.66 -16.13 -6.26
N MET C 97 28.14 -15.41 -7.25
CA MET C 97 28.99 -14.60 -8.11
C MET C 97 29.45 -13.30 -7.46
N VAL C 98 28.95 -12.97 -6.27
CA VAL C 98 29.41 -11.76 -5.59
C VAL C 98 30.82 -11.97 -5.08
N PHE C 99 31.54 -10.87 -4.88
CA PHE C 99 32.90 -10.94 -4.38
C PHE C 99 33.05 -10.00 -3.19
N HIS C 100 34.24 -10.03 -2.60
CA HIS C 100 34.50 -9.21 -1.42
C HIS C 100 35.86 -8.57 -1.54
N ILE C 101 35.92 -7.28 -1.22
CA ILE C 101 37.15 -6.51 -1.27
C ILE C 101 37.65 -6.36 0.15
N THR C 102 38.89 -6.75 0.40
CA THR C 102 39.48 -6.65 1.73
C THR C 102 39.87 -5.21 2.03
N THR C 103 39.83 -4.83 3.30
CA THR C 103 40.03 -3.44 3.70
C THR C 103 41.47 -3.14 4.06
N GLY C 104 42.23 -4.18 4.41
CA GLY C 104 43.63 -4.02 4.77
C GLY C 104 43.92 -4.53 6.17
N SER C 105 42.93 -4.41 7.05
CA SER C 105 43.06 -4.86 8.42
C SER C 105 42.60 -6.31 8.54
N GLN C 106 42.49 -6.78 9.77
CA GLN C 106 41.93 -8.09 10.06
C GLN C 106 40.61 -8.01 10.82
N GLU C 107 40.52 -7.12 11.81
CA GLU C 107 39.29 -6.99 12.57
C GLU C 107 38.26 -6.14 11.85
N PHE C 108 38.68 -5.35 10.87
CA PHE C 108 37.75 -4.48 10.15
C PHE C 108 36.90 -5.25 9.15
N ASP C 109 37.49 -6.17 8.39
CA ASP C 109 36.70 -7.08 7.58
C ASP C 109 36.21 -8.29 8.35
N LYS C 110 36.71 -8.52 9.56
CA LYS C 110 35.97 -9.38 10.47
C LYS C 110 34.65 -8.74 10.86
N LEU C 111 34.66 -7.41 10.99
CA LEU C 111 33.45 -6.65 11.26
C LEU C 111 32.52 -6.62 10.06
N LEU C 112 33.02 -6.83 8.85
CA LEU C 112 32.18 -6.80 7.66
C LEU C 112 31.93 -8.16 7.05
N GLY C 113 32.85 -9.12 7.19
CA GLY C 113 32.65 -10.43 6.61
C GLY C 113 33.25 -10.55 5.23
N GLY C 114 34.54 -10.24 5.12
CA GLY C 114 35.20 -10.15 3.84
C GLY C 114 35.35 -8.75 3.30
N GLY C 115 34.74 -7.77 3.96
CA GLY C 115 34.85 -6.38 3.53
C GLY C 115 33.62 -5.93 2.76
N ILE C 116 33.84 -5.38 1.57
CA ILE C 116 32.80 -4.70 0.81
C ILE C 116 32.06 -5.70 -0.06
N GLU C 117 30.74 -5.66 -0.01
CA GLU C 117 29.88 -6.47 -0.87
C GLU C 117 29.94 -5.92 -2.30
N SER C 118 29.46 -6.72 -3.25
CA SER C 118 29.58 -6.35 -4.66
C SER C 118 28.25 -6.04 -5.31
N MET C 119 27.15 -6.04 -4.57
CA MET C 119 25.84 -5.70 -5.13
C MET C 119 25.10 -4.77 -4.18
N ALA C 120 25.81 -3.81 -3.61
CA ALA C 120 25.26 -2.98 -2.54
C ALA C 120 26.05 -1.69 -2.44
N ILE C 121 25.50 -0.74 -1.69
CA ILE C 121 26.08 0.59 -1.52
C ILE C 121 26.60 0.69 -0.10
N THR C 122 27.88 1.00 0.05
CA THR C 122 28.52 1.12 1.35
C THR C 122 28.82 2.59 1.65
N GLU C 123 28.62 2.98 2.90
CA GLU C 123 28.80 4.36 3.33
C GLU C 123 29.77 4.42 4.50
N ALA C 124 30.52 5.52 4.59
CA ALA C 124 31.46 5.71 5.69
C ALA C 124 31.58 7.20 5.98
N PHE C 125 31.35 7.59 7.23
CA PHE C 125 31.35 9.00 7.58
C PHE C 125 32.14 9.22 8.87
N GLY C 126 32.91 10.32 8.90
CA GLY C 126 33.75 10.63 10.03
C GLY C 126 33.64 12.09 10.41
N GLU C 127 34.43 12.47 11.42
CA GLU C 127 34.24 13.80 11.98
C GLU C 127 34.88 14.87 11.12
N PHE C 128 36.22 15.01 11.12
CA PHE C 128 36.87 15.62 9.97
C PHE C 128 38.19 14.96 9.60
N ARG C 129 38.97 14.55 10.58
CA ARG C 129 40.30 14.01 10.33
C ARG C 129 40.34 12.50 10.36
N THR C 130 39.18 11.85 10.31
CA THR C 130 39.07 10.48 10.74
C THR C 130 39.62 9.49 9.73
N GLY C 131 40.04 9.95 8.57
CA GLY C 131 40.63 9.04 7.61
C GLY C 131 39.61 8.40 6.70
N LYS C 132 38.79 9.22 6.04
CA LYS C 132 37.84 8.68 5.08
C LYS C 132 38.53 8.41 3.74
N THR C 133 39.22 9.41 3.20
CA THR C 133 39.90 9.25 1.93
C THR C 133 41.11 8.33 2.03
N GLN C 134 41.69 8.18 3.23
CA GLN C 134 42.76 7.20 3.40
C GLN C 134 42.24 5.79 3.30
N LEU C 135 41.02 5.55 3.76
CA LEU C 135 40.38 4.26 3.54
C LEU C 135 40.08 4.04 2.07
N SER C 136 39.79 5.10 1.34
CA SER C 136 39.57 4.99 -0.10
C SER C 136 40.87 4.73 -0.83
N HIS C 137 41.97 5.37 -0.39
CA HIS C 137 43.23 5.25 -1.09
C HIS C 137 43.83 3.85 -0.95
N THR C 138 43.54 3.17 0.15
CA THR C 138 43.93 1.77 0.27
C THR C 138 43.12 0.90 -0.66
N LEU C 139 41.83 1.23 -0.84
CA LEU C 139 40.94 0.42 -1.65
C LEU C 139 41.25 0.52 -3.14
N CYS C 140 42.01 1.52 -3.56
CA CYS C 140 42.49 1.54 -4.94
C CYS C 140 43.67 0.61 -5.15
N VAL C 141 44.20 0.00 -4.09
CA VAL C 141 45.39 -0.83 -4.16
C VAL C 141 45.06 -2.28 -3.84
N THR C 142 44.26 -2.53 -2.81
CA THR C 142 43.95 -3.91 -2.46
C THR C 142 42.95 -4.54 -3.41
N ALA C 143 42.26 -3.77 -4.23
CA ALA C 143 41.23 -4.30 -5.11
C ALA C 143 41.77 -4.77 -6.45
N GLN C 144 43.05 -4.56 -6.73
CA GLN C 144 43.69 -5.06 -7.94
C GLN C 144 44.66 -6.20 -7.64
N LEU C 145 44.60 -6.77 -6.44
CA LEU C 145 45.41 -7.88 -6.04
C LEU C 145 44.55 -9.13 -5.87
N PRO C 146 44.97 -10.27 -6.41
CA PRO C 146 44.15 -11.49 -6.29
C PRO C 146 44.15 -12.04 -4.88
N GLY C 147 43.02 -11.87 -4.18
CA GLY C 147 42.96 -12.21 -2.78
C GLY C 147 41.95 -13.30 -2.44
N ALA C 148 41.30 -13.16 -1.29
CA ALA C 148 40.46 -14.22 -0.76
C ALA C 148 39.14 -14.32 -1.51
N GLY C 149 38.49 -15.46 -1.37
CA GLY C 149 37.22 -15.71 -2.02
C GLY C 149 37.31 -15.90 -3.52
N GLY C 150 38.51 -16.14 -4.05
CA GLY C 150 38.68 -16.22 -5.48
C GLY C 150 38.54 -14.90 -6.19
N TYR C 151 38.70 -13.79 -5.49
CA TYR C 151 38.54 -12.48 -6.10
C TYR C 151 39.77 -12.13 -6.91
N PRO C 152 39.66 -11.96 -8.23
CA PRO C 152 40.86 -11.86 -9.07
C PRO C 152 41.42 -10.45 -9.20
N GLY C 153 40.62 -9.45 -8.90
CA GLY C 153 41.13 -8.09 -9.03
C GLY C 153 40.97 -7.53 -10.43
N GLY C 154 40.79 -6.23 -10.49
CA GLY C 154 40.57 -5.56 -11.76
C GLY C 154 40.82 -4.06 -11.69
N LYS C 155 40.09 -3.32 -12.51
CA LYS C 155 40.29 -1.88 -12.63
C LYS C 155 39.29 -1.09 -11.79
N ILE C 156 39.67 0.14 -11.44
CA ILE C 156 38.92 1.00 -10.53
C ILE C 156 38.59 2.31 -11.24
N ILE C 157 37.41 2.85 -10.96
CA ILE C 157 37.06 4.22 -11.32
C ILE C 157 36.98 5.05 -10.05
N PHE C 158 37.66 6.20 -10.05
CA PHE C 158 37.64 7.12 -8.91
C PHE C 158 37.00 8.42 -9.38
N ILE C 159 35.81 8.72 -8.87
CA ILE C 159 35.15 9.99 -9.10
C ILE C 159 35.43 10.86 -7.87
N ASP C 160 36.43 11.72 -8.00
CA ASP C 160 36.77 12.68 -6.95
C ASP C 160 35.85 13.89 -7.04
N THR C 161 35.55 14.48 -5.89
CA THR C 161 34.81 15.73 -5.90
C THR C 161 35.38 16.81 -5.00
N GLU C 162 36.17 16.51 -3.97
CA GLU C 162 36.68 17.61 -3.18
C GLU C 162 37.94 18.19 -3.79
N ASN C 163 39.11 17.58 -3.53
CA ASN C 163 40.29 17.71 -4.36
C ASN C 163 41.25 16.54 -4.20
N THR C 164 40.89 15.59 -3.33
CA THR C 164 41.89 14.76 -2.66
C THR C 164 42.14 13.49 -3.45
N PHE C 165 42.99 13.59 -4.47
CA PHE C 165 43.47 12.42 -5.19
C PHE C 165 44.99 12.56 -5.40
N ARG C 166 45.72 12.76 -4.31
CA ARG C 166 47.17 12.72 -4.37
C ARG C 166 47.63 11.34 -4.80
N PRO C 167 48.21 11.20 -6.00
CA PRO C 167 48.51 9.85 -6.51
C PRO C 167 49.73 9.22 -5.89
N ASP C 168 50.65 10.04 -5.37
CA ASP C 168 51.87 9.51 -4.78
C ASP C 168 51.62 8.80 -3.45
N ARG C 169 50.44 9.00 -2.86
CA ARG C 169 50.04 8.22 -1.70
C ARG C 169 49.74 6.78 -2.04
N LEU C 170 49.45 6.49 -3.31
CA LEU C 170 49.30 5.09 -3.72
C LEU C 170 50.66 4.38 -3.73
N ARG C 171 51.73 5.12 -3.99
CA ARG C 171 53.04 4.50 -4.15
C ARG C 171 53.62 4.03 -2.83
N ASP C 172 53.18 4.60 -1.71
CA ASP C 172 53.62 4.10 -0.42
C ASP C 172 52.91 2.80 -0.07
N ILE C 173 51.61 2.72 -0.35
CA ILE C 173 50.85 1.51 -0.05
C ILE C 173 51.17 0.39 -1.01
N ALA C 174 51.66 0.70 -2.22
CA ALA C 174 52.12 -0.32 -3.14
C ALA C 174 53.35 -1.05 -2.63
N ASP C 175 54.13 -0.42 -1.75
CA ASP C 175 55.32 -1.08 -1.22
C ASP C 175 54.96 -2.12 -0.16
N ARG C 176 54.02 -1.81 0.72
CA ARG C 176 53.69 -2.71 1.82
C ARG C 176 52.87 -3.90 1.38
N PHE C 177 52.38 -3.91 0.15
CA PHE C 177 51.83 -5.11 -0.47
C PHE C 177 52.78 -5.71 -1.51
N ASN C 178 53.96 -5.11 -1.69
CA ASN C 178 55.05 -5.62 -2.55
C ASN C 178 54.60 -5.74 -4.01
N VAL C 179 54.07 -4.65 -4.55
CA VAL C 179 53.60 -4.58 -5.93
C VAL C 179 54.48 -3.57 -6.66
N ASP C 180 54.57 -3.72 -7.98
CA ASP C 180 55.26 -2.73 -8.81
C ASP C 180 54.52 -1.40 -8.78
N HIS C 181 55.27 -0.31 -9.02
CA HIS C 181 54.68 1.02 -8.93
C HIS C 181 53.82 1.34 -10.15
N ASP C 182 54.41 1.31 -11.35
CA ASP C 182 53.72 1.75 -12.54
C ASP C 182 52.82 0.69 -13.14
N ALA C 183 52.76 -0.50 -12.54
CA ALA C 183 51.81 -1.49 -12.99
C ALA C 183 50.42 -1.22 -12.43
N VAL C 184 50.34 -0.41 -11.37
CA VAL C 184 49.07 -0.14 -10.71
C VAL C 184 48.59 1.29 -10.93
N LEU C 185 49.42 2.17 -11.48
CA LEU C 185 48.99 3.54 -11.70
C LEU C 185 48.23 3.72 -13.00
N ASP C 186 47.96 2.66 -13.74
CA ASP C 186 47.15 2.77 -14.95
C ASP C 186 45.77 2.15 -14.80
N ASN C 187 45.59 1.27 -13.82
CA ASN C 187 44.34 0.54 -13.64
C ASN C 187 43.35 1.29 -12.77
N VAL C 188 43.57 2.57 -12.53
CA VAL C 188 42.61 3.41 -11.84
C VAL C 188 42.29 4.59 -12.75
N LEU C 189 41.01 4.89 -12.91
CA LEU C 189 40.57 5.98 -13.77
C LEU C 189 40.05 7.11 -12.91
N TYR C 190 40.35 8.33 -13.32
CA TYR C 190 40.16 9.49 -12.48
C TYR C 190 39.43 10.59 -13.25
N ALA C 191 38.49 11.23 -12.57
CA ALA C 191 37.76 12.37 -13.12
C ALA C 191 37.21 13.17 -11.95
N ARG C 192 37.28 14.49 -12.04
CA ARG C 192 36.76 15.35 -10.99
C ARG C 192 35.50 16.05 -11.48
N ALA C 193 34.41 15.89 -10.74
CA ALA C 193 33.22 16.68 -10.99
C ALA C 193 33.34 18.06 -10.35
N TYR C 194 32.73 19.05 -10.99
CA TYR C 194 32.87 20.42 -10.54
C TYR C 194 31.54 20.98 -10.06
N THR C 195 30.46 20.30 -10.40
CA THR C 195 29.11 20.79 -10.17
C THR C 195 28.23 19.58 -9.92
N SER C 196 27.18 19.76 -9.10
CA SER C 196 26.29 18.66 -8.75
C SER C 196 25.56 18.10 -9.97
N GLU C 197 25.31 18.91 -10.99
CA GLU C 197 24.77 18.33 -12.23
C GLU C 197 25.85 17.64 -13.03
N HIS C 198 27.10 18.11 -12.93
CA HIS C 198 28.19 17.47 -13.63
C HIS C 198 28.50 16.10 -13.05
N GLN C 199 28.27 15.93 -11.74
CA GLN C 199 28.44 14.63 -11.11
C GLN C 199 27.40 13.63 -11.61
N MET C 200 26.20 14.09 -11.94
CA MET C 200 25.15 13.20 -12.40
C MET C 200 25.41 12.71 -13.81
N GLU C 201 25.74 13.63 -14.73
CA GLU C 201 25.98 13.25 -16.12
C GLU C 201 27.25 12.45 -16.31
N LEU C 202 28.17 12.49 -15.36
CA LEU C 202 29.39 11.71 -15.46
C LEU C 202 29.18 10.24 -15.15
N LEU C 203 28.01 9.88 -14.62
CA LEU C 203 27.66 8.48 -14.48
C LEU C 203 27.35 7.82 -15.81
N ASP C 204 27.00 8.62 -16.83
CA ASP C 204 26.74 8.04 -18.15
C ASP C 204 28.02 7.58 -18.82
N TYR C 205 29.15 8.22 -18.50
CA TYR C 205 30.42 7.74 -19.00
C TYR C 205 30.85 6.45 -18.31
N VAL C 206 30.38 6.25 -17.08
CA VAL C 206 30.68 5.01 -16.36
C VAL C 206 29.98 3.83 -17.03
N ALA C 207 28.74 4.04 -17.48
CA ALA C 207 28.00 2.99 -18.16
C ALA C 207 28.63 2.63 -19.50
N ALA C 208 29.18 3.62 -20.22
CA ALA C 208 29.87 3.32 -21.46
C ALA C 208 31.20 2.62 -21.20
N LYS C 209 31.88 2.99 -20.12
CA LYS C 209 33.16 2.39 -19.81
C LYS C 209 33.03 0.97 -19.29
N PHE C 210 31.95 0.67 -18.57
CA PHE C 210 31.80 -0.66 -18.01
C PHE C 210 31.36 -1.67 -19.05
N HIS C 211 30.55 -1.25 -20.02
CA HIS C 211 29.86 -2.20 -20.89
C HIS C 211 30.79 -2.84 -21.90
N GLU C 212 31.70 -2.06 -22.48
CA GLU C 212 32.54 -2.58 -23.54
C GLU C 212 33.64 -3.51 -23.04
N GLU C 213 33.91 -3.55 -21.75
CA GLU C 213 34.87 -4.50 -21.16
C GLU C 213 34.20 -5.18 -19.99
N ALA C 214 33.59 -6.33 -20.24
CA ALA C 214 32.86 -7.06 -19.21
C ALA C 214 33.84 -7.82 -18.32
N GLY C 215 33.98 -7.40 -17.08
CA GLY C 215 34.74 -8.15 -16.10
C GLY C 215 36.11 -7.61 -15.76
N ILE C 216 36.58 -6.56 -16.44
CA ILE C 216 37.89 -6.00 -16.11
C ILE C 216 37.79 -4.91 -15.07
N PHE C 217 36.59 -4.40 -14.79
CA PHE C 217 36.38 -3.45 -13.72
C PHE C 217 35.76 -4.16 -12.52
N LYS C 218 36.11 -3.68 -11.33
CA LYS C 218 35.64 -4.34 -10.12
C LYS C 218 34.84 -3.42 -9.21
N LEU C 219 35.26 -2.17 -9.02
CA LEU C 219 34.52 -1.29 -8.14
C LEU C 219 34.66 0.16 -8.56
N LEU C 220 33.84 1.00 -7.92
CA LEU C 220 33.74 2.42 -8.22
C LEU C 220 33.74 3.19 -6.90
N ILE C 221 34.43 4.33 -6.87
CA ILE C 221 34.45 5.19 -5.69
C ILE C 221 33.99 6.57 -6.08
N ILE C 222 32.90 7.01 -5.50
CA ILE C 222 32.58 8.42 -5.43
C ILE C 222 33.16 8.94 -4.12
N ASP C 223 33.80 10.11 -4.16
CA ASP C 223 34.47 10.61 -2.95
C ASP C 223 33.44 11.05 -1.93
N SER C 224 32.65 12.06 -2.25
CA SER C 224 31.65 12.53 -1.30
C SER C 224 30.47 13.10 -2.07
N ILE C 225 29.38 12.31 -2.14
CA ILE C 225 28.20 12.71 -2.87
C ILE C 225 27.57 13.99 -2.34
N MET C 226 27.64 14.23 -1.04
CA MET C 226 27.03 15.39 -0.45
C MET C 226 27.98 16.58 -0.36
N ALA C 227 29.16 16.50 -0.97
CA ALA C 227 30.08 17.61 -0.92
C ALA C 227 29.68 18.76 -1.84
N LEU C 228 28.90 18.46 -2.88
CA LEU C 228 28.44 19.49 -3.81
C LEU C 228 26.96 19.79 -3.68
N PHE C 229 26.17 18.83 -3.19
CA PHE C 229 24.74 19.08 -3.03
C PHE C 229 24.46 20.06 -1.92
N ARG C 230 25.29 20.08 -0.87
CA ARG C 230 25.07 21.01 0.22
C ARG C 230 25.50 22.43 -0.12
N VAL C 231 26.29 22.60 -1.16
CA VAL C 231 26.79 23.90 -1.57
C VAL C 231 25.91 24.53 -2.63
N ASP C 232 25.56 23.76 -3.67
CA ASP C 232 24.82 24.30 -4.80
C ASP C 232 23.36 24.58 -4.47
N PHE C 233 22.87 24.08 -3.34
CA PHE C 233 21.50 24.32 -2.92
C PHE C 233 21.47 24.99 -1.56
N SER C 234 20.55 25.93 -1.40
CA SER C 234 20.39 26.72 -0.19
C SER C 234 19.62 25.95 0.88
N GLY C 235 19.06 26.66 1.85
CA GLY C 235 18.40 26.01 2.96
C GLY C 235 16.98 25.59 2.63
N ARG C 236 16.00 26.04 3.41
CA ARG C 236 14.64 25.50 3.33
C ARG C 236 13.93 25.83 2.03
N GLY C 237 14.42 26.77 1.25
CA GLY C 237 13.83 27.04 -0.05
C GLY C 237 14.08 25.91 -1.03
N GLU C 238 15.35 25.63 -1.30
CA GLU C 238 15.74 24.63 -2.28
C GLU C 238 16.01 23.27 -1.65
N LEU C 239 15.36 22.94 -0.54
CA LEU C 239 15.64 21.67 0.11
C LEU C 239 15.01 20.51 -0.64
N ALA C 240 13.72 20.63 -0.98
CA ALA C 240 13.04 19.55 -1.68
C ALA C 240 13.55 19.42 -3.11
N GLU C 241 14.02 20.51 -3.70
CA GLU C 241 14.66 20.46 -5.01
C GLU C 241 15.95 19.66 -4.95
N ARG C 242 16.69 19.78 -3.85
CA ARG C 242 17.96 19.10 -3.70
C ARG C 242 17.76 17.62 -3.38
N GLN C 243 16.81 17.31 -2.50
CA GLN C 243 16.60 15.93 -2.10
C GLN C 243 15.98 15.10 -3.21
N GLN C 244 15.25 15.74 -4.12
CA GLN C 244 14.72 15.00 -5.26
C GLN C 244 15.80 14.68 -6.28
N LYS C 245 16.75 15.60 -6.48
CA LYS C 245 17.84 15.34 -7.40
C LYS C 245 18.82 14.33 -6.83
N LEU C 246 18.89 14.21 -5.51
CA LEU C 246 19.76 13.23 -4.90
C LEU C 246 19.22 11.82 -5.08
N ALA C 247 17.89 11.67 -5.05
CA ALA C 247 17.29 10.35 -5.17
C ALA C 247 17.47 9.76 -6.55
N GLN C 248 17.60 10.61 -7.58
CA GLN C 248 17.89 10.10 -8.91
C GLN C 248 19.31 9.58 -9.00
N MET C 249 20.22 10.15 -8.23
CA MET C 249 21.61 9.70 -8.28
C MET C 249 21.80 8.37 -7.60
N LEU C 250 21.24 8.19 -6.40
CA LEU C 250 21.41 6.94 -5.67
C LEU C 250 20.68 5.79 -6.33
N SER C 251 19.59 6.07 -7.03
CA SER C 251 18.89 5.00 -7.74
C SER C 251 19.64 4.58 -8.98
N ARG C 252 20.33 5.52 -9.63
CA ARG C 252 21.13 5.18 -10.79
C ARG C 252 22.34 4.34 -10.39
N LEU C 253 22.93 4.63 -9.23
CA LEU C 253 24.06 3.86 -8.74
C LEU C 253 23.63 2.46 -8.33
N GLN C 254 22.41 2.30 -7.83
CA GLN C 254 21.91 0.98 -7.50
C GLN C 254 21.68 0.14 -8.75
N LYS C 255 21.28 0.78 -9.85
CA LYS C 255 21.05 0.05 -11.09
C LYS C 255 22.36 -0.42 -11.71
N ILE C 256 23.41 0.39 -11.59
CA ILE C 256 24.70 0.03 -12.18
C ILE C 256 25.32 -1.15 -11.45
N SER C 257 25.17 -1.18 -10.12
CA SER C 257 25.73 -2.25 -9.32
C SER C 257 25.06 -3.60 -9.53
N GLU C 258 23.88 -3.64 -10.16
CA GLU C 258 23.29 -4.88 -10.62
C GLU C 258 23.55 -5.15 -12.08
N GLU C 259 23.74 -4.09 -12.88
CA GLU C 259 23.90 -4.23 -14.32
C GLU C 259 25.25 -4.84 -14.66
N TYR C 260 26.27 -4.56 -13.86
CA TYR C 260 27.62 -4.99 -14.17
C TYR C 260 28.30 -5.73 -13.03
N ASN C 261 27.62 -5.88 -11.87
CA ASN C 261 28.13 -6.58 -10.68
C ASN C 261 29.44 -5.97 -10.18
N VAL C 262 29.35 -4.70 -9.78
CA VAL C 262 30.49 -3.98 -9.23
C VAL C 262 30.11 -3.41 -7.87
N ALA C 263 31.12 -3.09 -7.08
CA ALA C 263 30.94 -2.49 -5.77
C ALA C 263 31.03 -0.97 -5.86
N VAL C 264 30.39 -0.30 -4.92
CA VAL C 264 30.46 1.15 -4.83
C VAL C 264 30.77 1.55 -3.39
N PHE C 265 31.60 2.56 -3.24
CA PHE C 265 32.02 3.04 -1.93
C PHE C 265 31.85 4.54 -1.89
N VAL C 266 31.02 5.04 -0.98
CA VAL C 266 30.70 6.45 -0.90
C VAL C 266 30.95 6.96 0.51
N THR C 267 31.43 8.19 0.62
CA THR C 267 31.61 8.85 1.90
C THR C 267 30.76 10.12 1.94
N ASN C 268 30.61 10.69 3.14
CA ASN C 268 29.94 11.97 3.29
C ASN C 268 30.39 12.63 4.59
N GLN C 269 30.10 13.92 4.69
CA GLN C 269 30.49 14.75 5.81
C GLN C 269 29.54 14.56 6.99
N MET C 270 29.60 15.46 7.97
CA MET C 270 28.74 15.39 9.15
C MET C 270 28.27 16.79 9.52
N THR C 271 27.28 16.86 10.41
CA THR C 271 26.75 18.11 10.90
C THR C 271 26.39 17.98 12.38
N ALA C 272 26.23 19.13 13.02
CA ALA C 272 25.97 19.18 14.46
C ALA C 272 24.47 19.18 14.73
N ASP C 273 24.09 19.46 15.97
CA ASP C 273 22.70 19.42 16.38
C ASP C 273 22.54 20.32 17.61
N PRO C 274 22.18 21.58 17.45
CA PRO C 274 21.92 22.43 18.62
C PRO C 274 20.53 22.27 19.21
N GLY C 275 19.82 21.20 18.85
CA GLY C 275 18.51 20.94 19.41
C GLY C 275 18.57 19.99 20.58
N ALA C 276 19.75 19.45 20.85
CA ALA C 276 19.93 18.51 21.96
C ALA C 276 20.18 19.26 23.26
N PRO C 284 25.54 14.04 19.54
CA PRO C 284 25.03 15.31 19.00
C PRO C 284 25.50 15.58 17.59
N LYS C 285 25.92 14.55 16.88
CA LYS C 285 26.37 14.67 15.50
C LYS C 285 25.56 13.72 14.62
N LYS C 286 25.18 14.20 13.45
CA LYS C 286 24.44 13.38 12.52
C LYS C 286 25.08 13.48 11.14
N PRO C 287 25.07 12.40 10.37
CA PRO C 287 25.56 12.50 8.99
C PRO C 287 24.51 13.16 8.11
N ILE C 288 24.98 14.00 7.20
CA ILE C 288 24.07 14.76 6.36
C ILE C 288 23.56 13.85 5.24
N GLY C 289 22.44 14.26 4.65
CA GLY C 289 21.80 13.45 3.63
C GLY C 289 20.33 13.24 3.92
N GLY C 290 19.98 13.22 5.18
CA GLY C 290 18.59 13.05 5.55
C GLY C 290 18.15 11.60 5.42
N HIS C 291 16.83 11.42 5.34
CA HIS C 291 16.27 10.09 5.29
C HIS C 291 16.45 9.42 3.93
N ILE C 292 16.69 10.20 2.89
CA ILE C 292 16.84 9.64 1.55
C ILE C 292 18.14 8.83 1.46
N LEU C 293 19.23 9.41 1.95
CA LEU C 293 20.52 8.74 1.91
C LEU C 293 20.60 7.60 2.90
N ALA C 294 19.95 7.72 4.06
CA ALA C 294 20.04 6.68 5.06
C ALA C 294 19.29 5.42 4.65
N HIS C 295 18.20 5.57 3.91
CA HIS C 295 17.44 4.41 3.47
C HIS C 295 18.16 3.68 2.34
N ALA C 296 18.67 4.42 1.36
CA ALA C 296 19.21 3.82 0.15
C ALA C 296 20.59 3.21 0.33
N SER C 297 21.27 3.46 1.44
CA SER C 297 22.56 2.85 1.70
C SER C 297 22.38 1.49 2.33
N THR C 298 23.23 0.54 1.96
CA THR C 298 23.09 -0.80 2.50
C THR C 298 23.84 -0.96 3.82
N THR C 299 25.10 -0.54 3.89
CA THR C 299 25.86 -0.56 5.13
C THR C 299 26.49 0.80 5.35
N ARG C 300 26.41 1.29 6.59
CA ARG C 300 27.06 2.54 6.96
C ARG C 300 28.07 2.24 8.06
N ILE C 301 29.27 2.79 7.92
CA ILE C 301 30.36 2.54 8.87
C ILE C 301 30.70 3.86 9.53
N SER C 302 30.38 4.00 10.81
CA SER C 302 30.79 5.18 11.56
C SER C 302 32.27 5.09 11.90
N LEU C 303 32.93 6.24 11.90
CA LEU C 303 34.36 6.32 12.16
C LEU C 303 34.62 7.43 13.17
N ARG C 304 35.28 7.11 14.28
CA ARG C 304 35.65 8.11 15.26
C ARG C 304 37.08 7.89 15.72
N LYS C 305 37.66 8.94 16.30
CA LYS C 305 39.07 8.94 16.63
C LYS C 305 39.32 8.27 17.98
N GLY C 306 40.45 7.57 18.08
CA GLY C 306 40.84 6.93 19.32
C GLY C 306 41.98 7.64 20.01
N ARG C 307 43.20 7.11 19.87
CA ARG C 307 44.37 7.66 20.53
C ARG C 307 45.53 7.71 19.54
N GLY C 308 46.01 8.90 19.23
CA GLY C 308 47.15 9.04 18.36
C GLY C 308 46.87 8.69 16.92
N GLU C 309 47.38 7.55 16.47
CA GLU C 309 47.16 7.06 15.11
C GLU C 309 46.15 5.91 15.09
N LEU C 310 45.30 5.83 16.10
CA LEU C 310 44.29 4.79 16.19
C LEU C 310 42.91 5.39 15.99
N ARG C 311 42.06 4.67 15.26
CA ARG C 311 40.68 5.09 15.03
C ARG C 311 39.75 3.94 15.35
N ILE C 312 38.56 4.28 15.86
CA ILE C 312 37.52 3.32 16.20
C ILE C 312 36.49 3.33 15.09
N ALA C 313 35.99 2.16 14.71
CA ALA C 313 35.02 2.02 13.63
C ALA C 313 33.84 1.19 14.11
N LYS C 314 32.69 1.84 14.29
CA LYS C 314 31.45 1.15 14.61
C LYS C 314 30.77 0.76 13.29
N ILE C 315 29.51 0.34 13.36
CA ILE C 315 28.77 -0.05 12.18
C ILE C 315 27.30 0.31 12.38
N TYR C 316 26.72 1.00 11.40
CA TYR C 316 25.35 1.48 11.46
C TYR C 316 24.57 0.87 10.30
N ASP C 317 23.41 0.29 10.61
CA ASP C 317 22.45 -0.22 9.62
C ASP C 317 23.09 -1.25 8.68
N SER C 318 23.42 -2.37 9.22
CA SER C 318 23.89 -3.37 8.27
C SER C 318 22.89 -4.52 8.15
N PRO C 319 22.73 -5.09 6.96
CA PRO C 319 21.90 -6.29 6.83
C PRO C 319 22.54 -7.56 7.40
N GLU C 320 23.84 -7.54 7.76
CA GLU C 320 24.40 -8.64 8.54
C GLU C 320 24.84 -8.19 9.94
N MET C 321 25.88 -7.47 10.01
CA MET C 321 26.71 -7.57 11.20
C MET C 321 26.20 -6.62 12.27
N PRO C 322 26.06 -7.09 13.51
CA PRO C 322 25.51 -6.24 14.57
C PRO C 322 26.54 -5.22 15.03
N GLU C 323 26.09 -4.35 15.92
CA GLU C 323 26.88 -3.17 16.28
C GLU C 323 28.08 -3.52 17.14
N ASN C 324 29.19 -3.87 16.50
CA ASN C 324 30.44 -4.15 17.17
C ASN C 324 31.49 -3.15 16.69
N GLU C 325 32.62 -3.10 17.38
CA GLU C 325 33.64 -2.11 17.11
C GLU C 325 34.95 -2.79 16.71
N ALA C 326 35.86 -2.00 16.19
CA ALA C 326 37.18 -2.49 15.79
C ALA C 326 38.16 -1.36 16.06
N THR C 327 39.37 -1.47 15.51
CA THR C 327 40.39 -0.45 15.72
C THR C 327 41.34 -0.44 14.53
N PHE C 328 41.42 0.71 13.85
CA PHE C 328 42.33 0.87 12.74
C PHE C 328 43.75 1.12 13.23
N ALA C 329 44.60 1.45 12.25
CA ALA C 329 45.79 2.24 12.46
C ALA C 329 46.11 2.84 11.10
N ILE C 330 45.90 4.15 10.96
CA ILE C 330 46.37 4.82 9.77
C ILE C 330 47.86 4.98 9.95
N THR C 331 48.61 4.54 8.97
CA THR C 331 50.04 4.33 9.10
C THR C 331 50.79 5.24 8.15
N ALA C 332 52.05 4.91 7.95
CA ALA C 332 52.66 5.12 6.64
C ALA C 332 52.18 3.97 5.76
N GLY C 333 51.11 4.19 5.00
CA GLY C 333 50.60 3.12 4.16
C GLY C 333 49.15 2.74 4.37
N GLY C 334 48.33 3.67 4.84
CA GLY C 334 46.90 3.39 4.91
C GLY C 334 46.52 2.58 6.14
N ILE C 335 45.58 1.68 5.97
CA ILE C 335 45.00 0.98 7.10
C ILE C 335 45.87 -0.20 7.49
N GLY C 336 46.16 -0.30 8.77
CA GLY C 336 46.94 -1.40 9.33
C GLY C 336 46.24 -1.97 10.55
N ASP C 337 47.00 -2.15 11.62
CA ASP C 337 46.46 -2.66 12.86
C ASP C 337 47.17 -2.06 14.07
CA CA F . -11.94 2.39 8.94
PG ANP G . -9.14 3.91 8.14
O1G ANP G . -9.36 5.34 7.70
O2G ANP G . -7.74 3.40 7.91
O3G ANP G . -10.21 2.96 7.66
PB ANP G . -10.65 4.84 10.58
O1B ANP G . -11.89 3.96 10.52
O2B ANP G . -10.70 6.19 9.93
N3B ANP G . -9.32 3.94 9.88
PA ANP G . -10.82 3.99 13.22
O1A ANP G . -10.45 2.62 12.72
O2A ANP G . -12.25 4.29 13.59
O3A ANP G . -10.33 5.06 12.14
O5' ANP G . -9.88 4.32 14.50
C5' ANP G . -9.09 3.29 15.09
C4' ANP G . -8.27 3.89 16.22
O4' ANP G . -9.06 3.92 17.42
C3' ANP G . -7.04 3.04 16.50
O3' ANP G . -5.87 3.88 16.49
C2' ANP G . -7.28 2.38 17.86
O2' ANP G . -6.20 2.59 18.77
C1' ANP G . -8.55 3.01 18.40
N9 ANP G . -9.56 1.95 18.67
C8 ANP G . -10.54 1.57 17.83
N7 ANP G . -11.30 0.58 18.37
C5 ANP G . -10.79 0.32 19.59
C6 ANP G . -11.10 -0.63 20.70
N6 ANP G . -12.14 -1.50 20.60
N1 ANP G . -10.32 -0.59 21.79
C2 ANP G . -9.29 0.27 21.90
N3 ANP G . -8.95 1.15 20.94
C4 ANP G . -9.65 1.22 19.78
CA CA H . 15.74 -2.72 4.65
PG ANP I . 17.26 -0.08 5.65
O1G ANP I . 16.09 0.80 5.93
O2G ANP I . 18.47 0.78 5.13
O3G ANP I . 16.84 -1.16 4.59
PB ANP I . 16.28 -1.35 7.79
O1B ANP I . 15.55 -2.24 6.85
O2B ANP I . 15.43 -0.10 8.08
N3B ANP I . 17.70 -0.86 7.08
PA ANP I . 17.22 -3.48 8.98
O1A ANP I . 18.26 -3.48 7.93
O2A ANP I . 16.05 -4.43 8.74
O3A ANP I . 16.57 -2.07 9.11
O5' ANP I . 17.89 -3.74 10.37
C5' ANP I . 19.24 -3.34 10.67
C4' ANP I . 19.64 -4.10 11.91
O4' ANP I . 19.58 -5.51 11.65
C3' ANP I . 21.06 -3.91 12.41
O3' ANP I . 21.20 -2.68 13.12
C2' ANP I . 21.23 -5.14 13.32
O2' ANP I . 20.92 -4.85 14.67
C1' ANP I . 20.24 -6.16 12.71
N9 ANP I . 20.92 -7.34 12.20
C8 ANP I . 21.54 -7.48 10.99
N7 ANP I . 22.23 -8.61 10.86
C5 ANP I . 21.80 -9.35 11.97
C6 ANP I . 22.20 -10.63 12.43
N6 ANP I . 22.93 -11.49 11.72
N1 ANP I . 21.76 -11.01 13.66
C2 ANP I . 21.01 -10.18 14.37
N3 ANP I . 20.66 -8.91 14.06
C4 ANP I . 21.12 -8.56 12.86
PG ANP J . 38.40 16.22 5.33
O1G ANP J . 37.70 16.17 4.02
O2G ANP J . 37.81 17.39 6.20
O3G ANP J . 39.94 16.47 5.11
PB ANP J . 39.22 13.65 5.35
O1B ANP J . 39.84 14.28 4.15
O2B ANP J . 38.41 12.40 4.91
N3B ANP J . 38.20 14.74 6.11
PA ANP J . 41.40 12.21 5.68
O1A ANP J . 42.28 12.91 4.74
O2A ANP J . 40.57 11.08 5.06
O3A ANP J . 40.33 13.17 6.32
O5' ANP J . 42.31 11.73 6.87
C5' ANP J . 43.72 12.00 6.81
C4' ANP J . 44.34 11.71 8.15
O4' ANP J . 45.45 10.81 7.97
C3' ANP J . 44.91 12.93 8.85
O3' ANP J . 44.91 12.73 10.26
C2' ANP J . 46.35 12.95 8.33
O2' ANP J . 47.21 13.67 9.20
C1' ANP J . 46.65 11.45 8.35
N9 ANP J . 47.70 11.05 7.43
C8 ANP J . 47.72 11.20 6.06
N7 ANP J . 48.81 10.75 5.49
C5 ANP J . 49.57 10.28 6.55
C6 ANP J . 50.84 9.68 6.61
N6 ANP J . 51.60 9.45 5.54
N1 ANP J . 51.31 9.34 7.83
C2 ANP J . 50.55 9.57 8.90
N3 ANP J . 49.34 10.13 8.97
C4 ANP J . 48.91 10.46 7.75
CA CA K . 38.66 14.12 2.43
#